data_2CKA
#
_entry.id   2CKA
#
_cell.length_a   1.000
_cell.length_b   1.000
_cell.length_c   1.000
_cell.angle_alpha   90.00
_cell.angle_beta   90.00
_cell.angle_gamma   90.00
#
_symmetry.space_group_name_H-M   'P 1'
#
_entity_poly.entity_id   1
_entity_poly.type   'polypeptide(L)'
_entity_poly.pdbx_seq_one_letter_code
;MGSSHHHHHHSSHMLVPRGSLKKLVELEVECMEEPNHLDVDLETRIPVINKVDGTLLVGEDAPRRAELEMWLQGHPEFAV
DPRFLAYMEDRRKQK
;
_entity_poly.pdbx_strand_id   A
#
# COMPACT_ATOMS: atom_id res chain seq x y z
N LEU A 38 3.90 -4.85 16.18
CA LEU A 38 3.38 -5.82 15.23
C LEU A 38 2.07 -5.29 14.67
N ASP A 39 2.24 -4.41 13.74
CA ASP A 39 1.21 -3.65 13.11
C ASP A 39 1.84 -3.16 11.82
N VAL A 40 1.32 -2.15 11.22
CA VAL A 40 1.92 -1.55 10.08
C VAL A 40 2.62 -0.26 10.55
N ASP A 41 2.15 0.23 11.73
CA ASP A 41 2.72 1.36 12.50
C ASP A 41 2.42 2.76 11.89
N LEU A 42 1.65 2.75 10.80
CA LEU A 42 1.05 3.95 10.16
C LEU A 42 2.02 4.93 9.44
N GLU A 43 3.25 5.07 9.89
CA GLU A 43 4.18 6.00 9.24
C GLU A 43 4.83 5.41 8.01
N THR A 44 4.58 4.15 7.78
CA THR A 44 5.13 3.45 6.66
C THR A 44 4.51 3.98 5.33
N ARG A 45 5.18 3.70 4.23
CA ARG A 45 4.70 4.09 2.93
C ARG A 45 4.06 2.87 2.29
N ILE A 46 2.79 2.94 2.01
CA ILE A 46 2.10 1.84 1.35
C ILE A 46 2.18 1.98 -0.15
N PRO A 47 2.79 1.00 -0.83
CA PRO A 47 2.82 0.98 -2.28
C PRO A 47 1.41 0.76 -2.79
N VAL A 48 0.96 1.62 -3.64
CA VAL A 48 -0.37 1.53 -4.17
C VAL A 48 -0.32 1.41 -5.66
N ILE A 49 -1.29 0.76 -6.20
CA ILE A 49 -1.36 0.55 -7.62
C ILE A 49 -2.74 0.95 -8.12
N ASN A 50 -2.76 1.65 -9.24
CA ASN A 50 -4.01 2.01 -9.86
C ASN A 50 -4.52 0.78 -10.56
N LYS A 51 -5.64 0.27 -10.14
CA LYS A 51 -6.19 -0.99 -10.65
C LYS A 51 -6.77 -0.85 -12.05
N VAL A 52 -6.98 0.37 -12.49
CA VAL A 52 -7.52 0.61 -13.81
C VAL A 52 -6.37 0.76 -14.80
N ASP A 53 -5.52 1.70 -14.49
CA ASP A 53 -4.38 2.04 -15.33
C ASP A 53 -3.27 1.02 -15.20
N GLY A 54 -2.71 0.92 -14.01
CA GLY A 54 -1.61 0.04 -13.78
C GLY A 54 -0.47 0.73 -13.05
N THR A 55 -0.50 2.07 -13.02
CA THR A 55 0.52 2.87 -12.34
C THR A 55 0.75 2.40 -10.88
N LEU A 56 1.98 2.00 -10.60
CA LEU A 56 2.39 1.54 -9.28
C LEU A 56 3.20 2.64 -8.61
N LEU A 57 2.81 3.02 -7.43
CA LEU A 57 3.46 4.10 -6.70
C LEU A 57 4.25 3.52 -5.54
N VAL A 58 5.51 3.88 -5.45
CA VAL A 58 6.37 3.43 -4.35
C VAL A 58 7.14 4.60 -3.75
N GLY A 59 7.72 4.39 -2.58
CA GLY A 59 8.49 5.42 -1.92
C GLY A 59 7.61 6.52 -1.37
N GLU A 60 8.02 7.75 -1.54
CA GLU A 60 7.25 8.90 -1.06
C GLU A 60 6.27 9.35 -2.09
N ASP A 61 6.25 8.66 -3.21
CA ASP A 61 5.27 8.91 -4.23
C ASP A 61 3.99 8.27 -3.75
N ALA A 62 4.18 7.17 -3.03
CA ALA A 62 3.12 6.44 -2.43
C ALA A 62 2.81 7.12 -1.09
N PRO A 63 1.53 7.17 -0.71
CA PRO A 63 1.09 7.87 0.51
C PRO A 63 1.53 7.19 1.81
N ARG A 64 1.43 7.93 2.92
CA ARG A 64 1.69 7.38 4.22
C ARG A 64 0.54 6.46 4.54
N ARG A 65 0.80 5.46 5.30
CA ARG A 65 -0.25 4.52 5.70
C ARG A 65 -1.35 5.23 6.51
N ALA A 66 -0.96 6.26 7.24
CA ALA A 66 -1.89 7.05 8.03
C ALA A 66 -2.92 7.76 7.15
N GLU A 67 -2.48 8.27 6.01
CA GLU A 67 -3.37 9.03 5.12
C GLU A 67 -4.06 8.07 4.15
N LEU A 68 -3.42 6.92 3.94
CA LEU A 68 -3.83 5.87 2.99
C LEU A 68 -5.31 5.53 3.11
N GLU A 69 -5.79 5.42 4.34
CA GLU A 69 -7.18 5.09 4.61
C GLU A 69 -8.12 6.08 3.89
N MET A 70 -7.91 7.35 4.10
CA MET A 70 -8.73 8.40 3.50
C MET A 70 -8.39 8.58 2.03
N TRP A 71 -7.14 8.37 1.72
CA TRP A 71 -6.60 8.55 0.37
C TRP A 71 -7.29 7.60 -0.61
N LEU A 72 -7.43 6.35 -0.22
CA LEU A 72 -8.10 5.35 -1.03
C LEU A 72 -9.60 5.62 -1.14
N GLN A 73 -10.18 6.19 -0.10
CA GLN A 73 -11.60 6.53 -0.11
C GLN A 73 -11.91 7.57 -1.20
N GLY A 74 -10.97 8.45 -1.45
CA GLY A 74 -11.17 9.47 -2.45
C GLY A 74 -11.05 8.94 -3.87
N HIS A 75 -10.19 7.94 -4.04
CA HIS A 75 -9.90 7.35 -5.33
C HIS A 75 -9.76 5.86 -5.22
N PRO A 76 -10.88 5.12 -5.38
CA PRO A 76 -10.88 3.65 -5.32
C PRO A 76 -10.15 3.01 -6.49
N GLU A 77 -9.67 3.87 -7.40
CA GLU A 77 -8.84 3.47 -8.52
C GLU A 77 -7.58 2.81 -8.00
N PHE A 78 -7.10 3.34 -6.90
CA PHE A 78 -5.90 2.84 -6.30
C PHE A 78 -6.26 1.86 -5.22
N ALA A 79 -5.43 0.90 -5.08
CA ALA A 79 -5.53 -0.07 -4.04
C ALA A 79 -4.14 -0.38 -3.62
N VAL A 80 -3.98 -1.15 -2.59
CA VAL A 80 -2.68 -1.50 -2.09
C VAL A 80 -2.01 -2.48 -3.05
N ASP A 81 -0.70 -2.43 -3.11
CA ASP A 81 0.07 -3.34 -3.93
C ASP A 81 -0.12 -4.77 -3.43
N PRO A 82 -0.59 -5.67 -4.30
CA PRO A 82 -0.82 -7.06 -3.92
C PRO A 82 0.45 -7.79 -3.50
N ARG A 83 1.59 -7.35 -3.99
CA ARG A 83 2.84 -7.98 -3.62
C ARG A 83 3.21 -7.57 -2.19
N PHE A 84 2.78 -6.40 -1.78
CA PHE A 84 2.96 -5.94 -0.42
C PHE A 84 2.08 -6.79 0.50
N LEU A 85 0.94 -7.21 -0.02
CA LEU A 85 0.09 -8.12 0.71
C LEU A 85 0.75 -9.50 0.80
N ALA A 86 1.40 -9.89 -0.30
CA ALA A 86 2.16 -11.14 -0.34
C ALA A 86 3.35 -11.06 0.62
N TYR A 87 3.86 -9.87 0.80
CA TYR A 87 4.94 -9.59 1.73
C TYR A 87 4.45 -9.79 3.17
N MET A 88 3.17 -9.47 3.41
CA MET A 88 2.56 -9.71 4.70
C MET A 88 2.28 -11.18 4.91
N GLU A 89 2.05 -11.90 3.82
CA GLU A 89 1.89 -13.37 3.85
C GLU A 89 3.24 -13.96 4.24
N ASP A 90 4.27 -13.38 3.67
CA ASP A 90 5.66 -13.77 3.89
C ASP A 90 6.04 -13.54 5.34
N ARG A 91 5.60 -12.41 5.89
CA ARG A 91 5.85 -12.07 7.28
C ARG A 91 5.06 -13.00 8.18
N ARG A 92 5.76 -13.87 8.85
CA ARG A 92 5.16 -14.85 9.71
C ARG A 92 5.84 -14.83 11.05
N LYS A 93 5.25 -15.50 12.01
CA LYS A 93 5.69 -15.43 13.39
C LYS A 93 6.11 -16.79 13.95
N GLN A 94 5.77 -17.85 13.27
CA GLN A 94 6.14 -19.18 13.68
C GLN A 94 6.52 -20.00 12.48
N LYS A 95 7.23 -21.07 12.69
CA LYS A 95 7.51 -21.98 11.61
C LYS A 95 6.47 -23.04 11.58
N LEU A 38 6.75 -3.54 14.47
CA LEU A 38 6.04 -4.65 13.93
C LEU A 38 6.10 -4.68 12.41
N ASP A 39 5.32 -3.82 11.77
CA ASP A 39 5.19 -3.87 10.30
C ASP A 39 4.99 -2.49 9.74
N VAL A 40 3.92 -1.86 10.17
CA VAL A 40 3.56 -0.55 9.70
C VAL A 40 3.25 0.37 10.87
N ASP A 41 4.01 1.42 10.97
CA ASP A 41 3.96 2.39 12.06
C ASP A 41 3.10 3.59 11.68
N LEU A 42 2.20 3.37 10.72
CA LEU A 42 1.26 4.37 10.18
C LEU A 42 1.93 5.42 9.29
N GLU A 43 3.18 5.71 9.56
CA GLU A 43 3.89 6.65 8.74
C GLU A 43 4.55 5.96 7.57
N THR A 44 4.48 4.65 7.58
CA THR A 44 5.02 3.82 6.53
C THR A 44 4.29 4.15 5.23
N ARG A 45 5.02 4.33 4.16
CA ARG A 45 4.41 4.58 2.88
C ARG A 45 4.04 3.28 2.21
N ILE A 46 2.76 3.01 2.18
CA ILE A 46 2.25 1.79 1.60
C ILE A 46 2.14 1.94 0.09
N PRO A 47 2.78 1.05 -0.68
CA PRO A 47 2.72 1.08 -2.14
C PRO A 47 1.31 0.78 -2.65
N VAL A 48 0.89 1.53 -3.64
CA VAL A 48 -0.43 1.40 -4.22
C VAL A 48 -0.35 1.31 -5.71
N ILE A 49 -1.38 0.83 -6.31
CA ILE A 49 -1.45 0.71 -7.72
C ILE A 49 -2.81 1.17 -8.23
N ASN A 50 -2.80 1.91 -9.31
CA ASN A 50 -4.03 2.31 -9.97
C ASN A 50 -4.46 1.14 -10.81
N LYS A 51 -5.61 0.60 -10.50
CA LYS A 51 -6.12 -0.58 -11.16
C LYS A 51 -6.56 -0.28 -12.60
N VAL A 52 -6.99 0.94 -12.81
CA VAL A 52 -7.47 1.35 -14.10
C VAL A 52 -6.30 1.56 -15.06
N ASP A 53 -5.36 2.39 -14.65
CA ASP A 53 -4.20 2.71 -15.48
C ASP A 53 -3.11 1.65 -15.38
N GLY A 54 -2.70 1.36 -14.17
CA GLY A 54 -1.59 0.44 -13.96
C GLY A 54 -0.48 1.08 -13.14
N THR A 55 -0.62 2.39 -12.90
CA THR A 55 0.35 3.21 -12.17
C THR A 55 0.68 2.60 -10.80
N LEU A 56 1.92 2.28 -10.57
CA LEU A 56 2.35 1.75 -9.30
C LEU A 56 3.13 2.81 -8.55
N LEU A 57 2.73 3.11 -7.34
CA LEU A 57 3.40 4.11 -6.54
C LEU A 57 4.13 3.41 -5.42
N VAL A 58 5.40 3.65 -5.32
CA VAL A 58 6.25 3.00 -4.33
C VAL A 58 7.17 4.03 -3.68
N GLY A 59 7.93 3.60 -2.69
CA GLY A 59 8.92 4.46 -2.06
C GLY A 59 8.30 5.64 -1.35
N GLU A 60 8.66 6.85 -1.75
CA GLU A 60 8.10 8.05 -1.14
C GLU A 60 6.99 8.62 -1.98
N ASP A 61 6.78 8.01 -3.10
CA ASP A 61 5.76 8.44 -4.03
C ASP A 61 4.44 7.84 -3.60
N ALA A 62 4.54 6.73 -2.92
CA ALA A 62 3.41 6.02 -2.37
C ALA A 62 2.88 6.77 -1.14
N PRO A 63 1.57 6.69 -0.86
CA PRO A 63 0.96 7.40 0.25
C PRO A 63 1.28 6.81 1.64
N ARG A 64 1.57 7.71 2.56
CA ARG A 64 1.78 7.42 3.96
C ARG A 64 0.52 6.70 4.49
N ARG A 65 0.70 5.58 5.18
CA ARG A 65 -0.40 4.70 5.65
C ARG A 65 -1.54 5.45 6.36
N ALA A 66 -1.19 6.36 7.25
CA ALA A 66 -2.17 7.17 7.98
C ALA A 66 -3.09 7.92 7.01
N GLU A 67 -2.51 8.41 5.93
CA GLU A 67 -3.23 9.17 4.94
C GLU A 67 -3.93 8.20 3.98
N LEU A 68 -3.19 7.14 3.66
CA LEU A 68 -3.53 6.11 2.69
C LEU A 68 -4.93 5.54 2.86
N GLU A 69 -5.30 5.17 4.07
CA GLU A 69 -6.60 4.55 4.27
C GLU A 69 -7.75 5.52 3.99
N MET A 70 -7.54 6.76 4.31
CA MET A 70 -8.50 7.81 4.02
C MET A 70 -8.47 8.13 2.52
N TRP A 71 -7.27 8.11 1.99
CA TRP A 71 -6.98 8.42 0.60
C TRP A 71 -7.66 7.43 -0.36
N LEU A 72 -7.55 6.12 -0.05
CA LEU A 72 -8.16 5.06 -0.87
C LEU A 72 -9.65 5.21 -0.98
N GLN A 73 -10.26 5.70 0.07
CA GLN A 73 -11.70 5.88 0.11
C GLN A 73 -12.17 6.94 -0.88
N GLY A 74 -11.30 7.86 -1.19
CA GLY A 74 -11.61 8.88 -2.16
C GLY A 74 -11.05 8.54 -3.53
N HIS A 75 -10.35 7.42 -3.61
CA HIS A 75 -9.74 6.97 -4.85
C HIS A 75 -9.95 5.48 -5.06
N PRO A 76 -11.17 5.07 -5.47
CA PRO A 76 -11.49 3.64 -5.70
C PRO A 76 -10.71 3.06 -6.89
N GLU A 77 -10.06 3.94 -7.65
CA GLU A 77 -9.22 3.57 -8.78
C GLU A 77 -7.93 2.90 -8.29
N PHE A 78 -7.54 3.25 -7.09
CA PHE A 78 -6.31 2.74 -6.54
C PHE A 78 -6.58 1.67 -5.51
N ALA A 79 -5.64 0.81 -5.35
CA ALA A 79 -5.67 -0.25 -4.39
C ALA A 79 -4.26 -0.45 -3.93
N VAL A 80 -4.06 -1.11 -2.83
CA VAL A 80 -2.73 -1.34 -2.33
C VAL A 80 -2.03 -2.44 -3.11
N ASP A 81 -0.72 -2.35 -3.18
CA ASP A 81 0.11 -3.33 -3.87
C ASP A 81 -0.03 -4.72 -3.22
N PRO A 82 -0.39 -5.75 -4.02
CA PRO A 82 -0.61 -7.11 -3.51
C PRO A 82 0.66 -7.80 -3.00
N ARG A 83 1.79 -7.30 -3.39
CA ARG A 83 3.07 -7.87 -2.95
C ARG A 83 3.32 -7.43 -1.53
N PHE A 84 2.96 -6.19 -1.24
CA PHE A 84 3.01 -5.68 0.10
C PHE A 84 2.03 -6.47 0.96
N LEU A 85 0.85 -6.75 0.38
CA LEU A 85 -0.15 -7.55 1.05
C LEU A 85 0.38 -8.93 1.38
N ALA A 86 1.17 -9.50 0.48
CA ALA A 86 1.79 -10.80 0.69
C ALA A 86 2.68 -10.78 1.94
N TYR A 87 3.42 -9.69 2.11
CA TYR A 87 4.23 -9.50 3.32
C TYR A 87 3.35 -9.24 4.53
N MET A 88 2.25 -8.54 4.31
CA MET A 88 1.35 -8.19 5.40
C MET A 88 0.54 -9.41 5.87
N GLU A 89 0.28 -10.36 4.98
CA GLU A 89 -0.44 -11.58 5.36
C GLU A 89 0.48 -12.51 6.11
N ASP A 90 1.72 -12.56 5.67
CA ASP A 90 2.73 -13.42 6.28
C ASP A 90 3.09 -12.85 7.65
N ARG A 91 3.28 -11.54 7.63
CA ARG A 91 3.49 -10.68 8.79
C ARG A 91 4.49 -11.22 9.82
N ARG A 92 5.76 -11.04 9.54
CA ARG A 92 6.81 -11.44 10.45
C ARG A 92 8.10 -10.71 10.13
N LYS A 93 8.58 -9.98 11.09
CA LYS A 93 9.85 -9.33 10.95
C LYS A 93 10.88 -10.11 11.73
N GLN A 94 12.08 -10.10 11.27
CA GLN A 94 13.10 -10.78 11.97
C GLN A 94 14.17 -9.81 12.40
N LYS A 95 13.88 -9.16 13.51
CA LYS A 95 14.76 -8.22 14.15
C LYS A 95 14.39 -8.11 15.61
N LEU A 38 1.34 -1.75 14.89
CA LEU A 38 1.03 -2.87 14.00
C LEU A 38 2.33 -3.45 13.46
N ASP A 39 3.03 -2.64 12.69
CA ASP A 39 4.37 -2.93 12.17
C ASP A 39 4.83 -1.72 11.40
N VAL A 40 4.00 -1.31 10.47
CA VAL A 40 4.26 -0.15 9.60
C VAL A 40 4.27 1.17 10.37
N ASP A 41 3.67 1.15 11.56
CA ASP A 41 3.58 2.30 12.49
C ASP A 41 2.83 3.49 11.86
N LEU A 42 2.15 3.18 10.76
CA LEU A 42 1.39 4.12 9.93
C LEU A 42 2.27 5.12 9.16
N GLU A 43 3.58 4.99 9.33
CA GLU A 43 4.54 5.87 8.67
C GLU A 43 5.08 5.28 7.37
N THR A 44 4.92 3.99 7.19
CA THR A 44 5.35 3.32 5.98
C THR A 44 4.56 3.83 4.78
N ARG A 45 5.27 4.04 3.70
CA ARG A 45 4.67 4.45 2.46
C ARG A 45 4.16 3.18 1.79
N ILE A 46 2.89 3.13 1.53
CA ILE A 46 2.28 1.92 0.99
C ILE A 46 2.22 1.94 -0.52
N PRO A 47 2.88 0.96 -1.17
CA PRO A 47 2.84 0.83 -2.61
C PRO A 47 1.41 0.65 -3.10
N VAL A 48 0.96 1.58 -3.89
CA VAL A 48 -0.36 1.52 -4.41
C VAL A 48 -0.34 1.31 -5.90
N ILE A 49 -1.26 0.55 -6.38
CA ILE A 49 -1.34 0.16 -7.75
C ILE A 49 -2.64 0.73 -8.37
N ASN A 50 -2.56 1.14 -9.62
CA ASN A 50 -3.72 1.68 -10.35
C ASN A 50 -4.75 0.57 -10.54
N LYS A 51 -6.02 0.86 -10.32
CA LYS A 51 -7.07 -0.11 -10.67
C LYS A 51 -7.06 -0.32 -12.19
N VAL A 52 -6.79 0.77 -12.93
CA VAL A 52 -6.82 0.71 -14.38
C VAL A 52 -5.67 -0.12 -14.89
N ASP A 53 -4.40 0.26 -14.61
CA ASP A 53 -3.32 -0.57 -15.08
C ASP A 53 -1.97 -0.40 -14.43
N GLY A 54 -1.87 -0.77 -13.20
CA GLY A 54 -0.60 -1.14 -12.65
C GLY A 54 0.33 -0.03 -12.42
N THR A 55 -0.19 1.11 -12.22
CA THR A 55 0.60 2.22 -11.88
C THR A 55 1.01 2.04 -10.41
N LEU A 56 2.24 1.66 -10.17
CA LEU A 56 2.68 1.40 -8.84
C LEU A 56 3.40 2.61 -8.30
N LEU A 57 2.89 3.14 -7.25
CA LEU A 57 3.50 4.27 -6.60
C LEU A 57 4.21 3.77 -5.38
N VAL A 58 5.46 4.14 -5.23
CA VAL A 58 6.24 3.78 -4.06
C VAL A 58 6.90 5.03 -3.53
N GLY A 59 7.47 4.94 -2.35
CA GLY A 59 8.16 6.07 -1.79
C GLY A 59 7.20 7.18 -1.43
N GLU A 60 7.54 8.40 -1.77
CA GLU A 60 6.68 9.53 -1.41
C GLU A 60 5.54 9.68 -2.40
N ASP A 61 5.66 8.96 -3.50
CA ASP A 61 4.61 8.90 -4.51
C ASP A 61 3.48 8.09 -3.94
N ALA A 62 3.84 7.14 -3.13
CA ALA A 62 2.92 6.29 -2.46
C ALA A 62 2.50 7.00 -1.19
N PRO A 63 1.27 6.80 -0.74
CA PRO A 63 0.78 7.46 0.45
C PRO A 63 1.28 6.83 1.75
N ARG A 64 1.33 7.66 2.76
CA ARG A 64 1.66 7.29 4.11
C ARG A 64 0.51 6.43 4.62
N ARG A 65 0.80 5.33 5.34
CA ARG A 65 -0.28 4.44 5.85
C ARG A 65 -1.36 5.21 6.58
N ALA A 66 -0.96 6.17 7.39
CA ALA A 66 -1.91 6.99 8.15
C ALA A 66 -2.91 7.68 7.22
N GLU A 67 -2.45 8.09 6.03
CA GLU A 67 -3.29 8.80 5.09
C GLU A 67 -4.00 7.85 4.14
N LEU A 68 -3.37 6.70 3.93
CA LEU A 68 -3.79 5.65 3.00
C LEU A 68 -5.27 5.29 3.12
N GLU A 69 -5.77 5.18 4.33
CA GLU A 69 -7.17 4.79 4.52
C GLU A 69 -8.15 5.82 3.93
N MET A 70 -8.04 7.08 4.35
CA MET A 70 -8.93 8.15 3.84
C MET A 70 -8.68 8.38 2.35
N TRP A 71 -7.45 8.14 1.95
CA TRP A 71 -7.04 8.29 0.58
C TRP A 71 -7.80 7.28 -0.29
N LEU A 72 -7.86 6.03 0.16
CA LEU A 72 -8.60 4.99 -0.57
C LEU A 72 -10.11 5.22 -0.53
N GLN A 73 -10.60 5.74 0.58
CA GLN A 73 -12.03 6.02 0.77
C GLN A 73 -12.54 7.10 -0.18
N GLY A 74 -11.65 7.99 -0.55
CA GLY A 74 -11.98 9.06 -1.49
C GLY A 74 -11.92 8.57 -2.93
N HIS A 75 -11.52 7.31 -3.09
CA HIS A 75 -11.41 6.61 -4.37
C HIS A 75 -10.49 7.33 -5.37
N PRO A 76 -9.18 7.15 -5.24
CA PRO A 76 -8.19 7.77 -6.14
C PRO A 76 -7.89 6.84 -7.32
N GLU A 77 -8.53 5.67 -7.30
CA GLU A 77 -8.37 4.61 -8.30
C GLU A 77 -7.03 3.93 -8.21
N PHE A 78 -6.56 3.87 -7.01
CA PHE A 78 -5.39 3.15 -6.64
C PHE A 78 -5.75 2.29 -5.46
N ALA A 79 -5.11 1.17 -5.34
CA ALA A 79 -5.34 0.23 -4.27
C ALA A 79 -4.01 -0.28 -3.78
N VAL A 80 -3.97 -0.97 -2.68
CA VAL A 80 -2.72 -1.50 -2.16
C VAL A 80 -2.18 -2.58 -3.09
N ASP A 81 -0.88 -2.52 -3.36
CA ASP A 81 -0.21 -3.51 -4.19
C ASP A 81 -0.40 -4.92 -3.62
N PRO A 82 -0.92 -5.86 -4.43
CA PRO A 82 -1.22 -7.23 -3.97
C PRO A 82 0.02 -8.00 -3.53
N ARG A 83 1.15 -7.62 -4.08
CA ARG A 83 2.42 -8.20 -3.74
C ARG A 83 2.85 -7.73 -2.34
N PHE A 84 2.54 -6.48 -2.03
CA PHE A 84 2.81 -5.97 -0.70
C PHE A 84 1.89 -6.66 0.31
N LEU A 85 0.67 -6.93 -0.11
CA LEU A 85 -0.27 -7.69 0.70
C LEU A 85 0.28 -9.10 0.92
N ALA A 86 0.83 -9.68 -0.14
CA ALA A 86 1.45 -10.98 -0.09
C ALA A 86 2.67 -10.95 0.83
N TYR A 87 3.41 -9.87 0.79
CA TYR A 87 4.55 -9.61 1.66
C TYR A 87 4.13 -9.62 3.14
N MET A 88 2.98 -9.05 3.42
CA MET A 88 2.42 -9.03 4.77
C MET A 88 2.17 -10.46 5.25
N GLU A 89 1.69 -11.29 4.35
CA GLU A 89 1.42 -12.70 4.66
C GLU A 89 2.73 -13.49 4.69
N ASP A 90 3.65 -13.09 3.82
CA ASP A 90 4.98 -13.71 3.64
C ASP A 90 5.77 -13.68 4.92
N ARG A 91 5.60 -12.61 5.67
CA ARG A 91 6.30 -12.44 6.93
C ARG A 91 5.73 -13.30 8.04
N ARG A 92 4.63 -13.96 7.79
CA ARG A 92 4.09 -14.83 8.78
C ARG A 92 4.72 -16.21 8.63
N LYS A 93 5.86 -16.38 9.28
CA LYS A 93 6.66 -17.62 9.26
C LYS A 93 7.35 -17.81 7.92
N GLN A 94 8.67 -17.85 7.96
CA GLN A 94 9.45 -17.97 6.74
C GLN A 94 9.23 -19.36 6.19
N LYS A 95 9.29 -20.34 7.07
CA LYS A 95 9.03 -21.70 6.72
C LYS A 95 7.75 -22.13 7.42
N LEU A 38 7.01 -5.96 9.98
CA LEU A 38 6.46 -4.71 9.49
C LEU A 38 5.11 -4.47 10.09
N ASP A 39 5.08 -3.66 11.13
CA ASP A 39 3.82 -3.34 11.81
C ASP A 39 3.08 -2.30 11.03
N VAL A 40 3.84 -1.55 10.22
CA VAL A 40 3.35 -0.44 9.39
C VAL A 40 3.08 0.77 10.29
N ASP A 41 2.21 0.57 11.28
CA ASP A 41 1.91 1.54 12.36
C ASP A 41 1.60 2.94 11.82
N LEU A 42 1.00 2.96 10.62
CA LEU A 42 0.56 4.17 9.92
C LEU A 42 1.69 5.01 9.27
N GLU A 43 2.92 4.87 9.71
CA GLU A 43 3.99 5.72 9.15
C GLU A 43 4.62 5.12 7.91
N THR A 44 4.40 3.85 7.73
CA THR A 44 4.92 3.11 6.62
C THR A 44 4.18 3.47 5.30
N ARG A 45 4.95 3.67 4.24
CA ARG A 45 4.41 3.94 2.89
C ARG A 45 3.79 2.68 2.33
N ILE A 46 2.49 2.66 2.20
CA ILE A 46 1.85 1.55 1.52
C ILE A 46 1.82 1.81 0.01
N PRO A 47 2.49 0.96 -0.78
CA PRO A 47 2.47 1.08 -2.23
C PRO A 47 1.09 0.75 -2.80
N VAL A 48 0.62 1.57 -3.68
CA VAL A 48 -0.68 1.38 -4.28
C VAL A 48 -0.57 1.35 -5.78
N ILE A 49 -1.40 0.57 -6.38
CA ILE A 49 -1.42 0.43 -7.81
C ILE A 49 -2.80 0.81 -8.34
N ASN A 50 -2.81 1.58 -9.40
CA ASN A 50 -4.05 1.97 -10.04
C ASN A 50 -4.63 0.77 -10.77
N LYS A 51 -5.84 0.43 -10.45
CA LYS A 51 -6.50 -0.76 -10.98
C LYS A 51 -6.83 -0.64 -12.46
N VAL A 52 -6.94 0.57 -12.94
CA VAL A 52 -7.29 0.80 -14.34
C VAL A 52 -6.03 0.86 -15.19
N ASP A 53 -5.18 1.81 -14.88
CA ASP A 53 -3.98 2.08 -15.65
C ASP A 53 -2.84 1.15 -15.32
N GLY A 54 -2.60 0.96 -14.05
CA GLY A 54 -1.46 0.20 -13.62
C GLY A 54 -0.40 1.09 -13.03
N THR A 55 -0.78 2.35 -12.77
CA THR A 55 0.11 3.32 -12.14
C THR A 55 0.45 2.83 -10.73
N LEU A 56 1.70 2.51 -10.50
CA LEU A 56 2.13 2.00 -9.23
C LEU A 56 2.92 3.07 -8.50
N LEU A 57 2.50 3.37 -7.30
CA LEU A 57 3.16 4.37 -6.50
C LEU A 57 3.97 3.66 -5.43
N VAL A 58 5.26 3.85 -5.46
CA VAL A 58 6.15 3.24 -4.48
C VAL A 58 7.02 4.29 -3.85
N GLY A 59 7.53 3.99 -2.68
CA GLY A 59 8.38 4.92 -1.98
C GLY A 59 7.59 6.11 -1.48
N GLU A 60 8.16 7.29 -1.63
CA GLU A 60 7.54 8.52 -1.12
C GLU A 60 6.43 9.01 -2.06
N ASP A 61 6.30 8.36 -3.18
CA ASP A 61 5.28 8.69 -4.17
C ASP A 61 3.96 8.12 -3.73
N ALA A 62 4.04 7.10 -2.90
CA ALA A 62 2.91 6.48 -2.32
C ALA A 62 2.58 7.22 -1.03
N PRO A 63 1.31 7.33 -0.66
CA PRO A 63 0.94 8.02 0.57
C PRO A 63 1.36 7.24 1.81
N ARG A 64 1.60 7.95 2.91
CA ARG A 64 1.88 7.27 4.16
C ARG A 64 0.60 6.62 4.60
N ARG A 65 0.71 5.51 5.26
CA ARG A 65 -0.46 4.72 5.60
C ARG A 65 -1.47 5.52 6.45
N ALA A 66 -0.98 6.48 7.22
CA ALA A 66 -1.82 7.34 8.02
C ALA A 66 -2.82 8.10 7.15
N GLU A 67 -2.37 8.56 5.99
CA GLU A 67 -3.27 9.29 5.10
C GLU A 67 -3.84 8.37 4.02
N LEU A 68 -3.20 7.22 3.85
CA LEU A 68 -3.54 6.23 2.83
C LEU A 68 -5.00 5.81 2.91
N GLU A 69 -5.48 5.57 4.13
CA GLU A 69 -6.89 5.19 4.35
C GLU A 69 -7.81 6.24 3.73
N MET A 70 -7.62 7.47 4.16
CA MET A 70 -8.36 8.64 3.68
C MET A 70 -8.21 8.79 2.16
N TRP A 71 -6.98 8.64 1.71
CA TRP A 71 -6.61 8.78 0.31
C TRP A 71 -7.40 7.78 -0.54
N LEU A 72 -7.36 6.52 -0.16
CA LEU A 72 -8.10 5.47 -0.85
C LEU A 72 -9.60 5.72 -0.88
N GLN A 73 -10.13 6.36 0.16
CA GLN A 73 -11.54 6.67 0.21
C GLN A 73 -11.94 7.63 -0.90
N GLY A 74 -11.01 8.49 -1.27
CA GLY A 74 -11.24 9.44 -2.33
C GLY A 74 -10.70 8.97 -3.68
N HIS A 75 -9.84 7.96 -3.65
CA HIS A 75 -9.26 7.40 -4.85
C HIS A 75 -9.47 5.88 -4.87
N PRO A 76 -10.69 5.41 -5.15
CA PRO A 76 -11.03 3.98 -5.11
C PRO A 76 -10.50 3.21 -6.33
N GLU A 77 -9.86 3.93 -7.22
CA GLU A 77 -9.30 3.34 -8.41
C GLU A 77 -7.92 2.76 -8.14
N PHE A 78 -7.41 2.98 -6.95
CA PHE A 78 -6.14 2.44 -6.54
C PHE A 78 -6.35 1.31 -5.57
N ALA A 79 -5.44 0.38 -5.54
CA ALA A 79 -5.52 -0.75 -4.64
C ALA A 79 -4.18 -0.95 -3.98
N VAL A 80 -4.18 -1.56 -2.81
CA VAL A 80 -2.94 -1.88 -2.11
C VAL A 80 -2.16 -2.94 -2.90
N ASP A 81 -0.86 -2.71 -3.07
CA ASP A 81 0.03 -3.61 -3.79
C ASP A 81 0.02 -5.02 -3.19
N PRO A 82 -0.39 -6.03 -3.98
CA PRO A 82 -0.52 -7.41 -3.52
C PRO A 82 0.83 -8.08 -3.24
N ARG A 83 1.88 -7.51 -3.74
CA ARG A 83 3.20 -8.07 -3.59
C ARG A 83 3.79 -7.65 -2.26
N PHE A 84 3.46 -6.44 -1.85
CA PHE A 84 3.84 -5.93 -0.54
C PHE A 84 3.17 -6.74 0.54
N LEU A 85 1.85 -6.87 0.44
CA LEU A 85 1.10 -7.60 1.44
C LEU A 85 1.40 -9.09 1.44
N ALA A 86 1.88 -9.61 0.31
CA ALA A 86 2.25 -11.00 0.18
C ALA A 86 3.42 -11.35 1.08
N TYR A 87 4.21 -10.34 1.46
CA TYR A 87 5.39 -10.54 2.29
C TYR A 87 5.00 -11.18 3.63
N MET A 88 3.89 -10.74 4.21
CA MET A 88 3.47 -11.30 5.49
C MET A 88 2.87 -12.70 5.30
N GLU A 89 2.28 -12.93 4.14
CA GLU A 89 1.66 -14.21 3.83
C GLU A 89 2.69 -15.26 3.47
N ASP A 90 3.69 -14.84 2.74
CA ASP A 90 4.75 -15.72 2.27
C ASP A 90 5.76 -15.94 3.39
N ARG A 91 5.85 -14.91 4.25
CA ARG A 91 6.69 -14.82 5.46
C ARG A 91 8.18 -15.06 5.19
N ARG A 92 8.95 -14.98 6.23
CA ARG A 92 10.35 -15.23 6.13
C ARG A 92 10.58 -16.71 6.38
N LYS A 93 11.50 -17.26 5.65
CA LYS A 93 11.81 -18.66 5.77
C LYS A 93 13.06 -18.80 6.60
N GLN A 94 13.28 -19.96 7.18
CA GLN A 94 14.46 -20.19 7.98
C GLN A 94 15.64 -20.46 7.07
N LYS A 95 16.13 -19.42 6.53
CA LYS A 95 17.26 -19.42 5.66
C LYS A 95 18.33 -18.63 6.33
N LEU A 38 9.72 -2.79 7.12
CA LEU A 38 8.47 -3.37 6.59
C LEU A 38 7.35 -3.32 7.66
N ASP A 39 7.74 -2.89 8.84
CA ASP A 39 6.82 -2.61 9.92
C ASP A 39 6.16 -1.31 9.54
N VAL A 40 4.87 -1.29 9.47
CA VAL A 40 4.20 -0.12 8.97
C VAL A 40 4.08 0.95 10.02
N ASP A 41 3.33 0.66 11.07
CA ASP A 41 3.06 1.59 12.18
C ASP A 41 2.70 2.99 11.66
N LEU A 42 1.78 3.01 10.72
CA LEU A 42 1.17 4.23 10.20
C LEU A 42 2.06 5.13 9.30
N GLU A 43 3.34 5.29 9.62
CA GLU A 43 4.18 6.21 8.83
C GLU A 43 4.74 5.57 7.57
N THR A 44 4.72 4.27 7.53
CA THR A 44 5.17 3.53 6.38
C THR A 44 4.16 3.70 5.23
N ARG A 45 4.66 3.72 4.03
CA ARG A 45 3.87 4.00 2.86
C ARG A 45 3.36 2.71 2.27
N ILE A 46 2.07 2.59 2.14
CA ILE A 46 1.49 1.42 1.54
C ILE A 46 1.52 1.59 0.03
N PRO A 47 2.21 0.69 -0.68
CA PRO A 47 2.27 0.72 -2.13
C PRO A 47 0.90 0.40 -2.73
N VAL A 48 0.40 1.30 -3.49
CA VAL A 48 -0.88 1.15 -4.11
C VAL A 48 -0.75 1.29 -5.59
N ILE A 49 -1.62 0.65 -6.30
CA ILE A 49 -1.61 0.69 -7.72
C ILE A 49 -3.00 0.97 -8.25
N ASN A 50 -3.06 1.83 -9.23
CA ASN A 50 -4.30 2.07 -9.96
C ASN A 50 -4.57 0.82 -10.76
N LYS A 51 -5.60 0.09 -10.38
CA LYS A 51 -5.92 -1.19 -10.98
C LYS A 51 -6.29 -1.12 -12.45
N VAL A 52 -6.71 0.04 -12.89
CA VAL A 52 -7.08 0.21 -14.28
C VAL A 52 -5.87 0.63 -15.11
N ASP A 53 -5.20 1.67 -14.65
CA ASP A 53 -4.08 2.23 -15.41
C ASP A 53 -2.78 1.45 -15.22
N GLY A 54 -2.51 1.05 -14.01
CA GLY A 54 -1.26 0.41 -13.73
C GLY A 54 -0.31 1.39 -13.07
N THR A 55 -0.85 2.46 -12.54
CA THR A 55 -0.06 3.44 -11.85
C THR A 55 0.32 2.89 -10.47
N LEU A 56 1.52 2.39 -10.33
CA LEU A 56 1.99 1.88 -9.06
C LEU A 56 2.71 2.98 -8.31
N LEU A 57 2.28 3.23 -7.13
CA LEU A 57 2.87 4.24 -6.29
C LEU A 57 3.61 3.57 -5.15
N VAL A 58 4.91 3.77 -5.12
CA VAL A 58 5.76 3.21 -4.09
C VAL A 58 6.65 4.29 -3.54
N GLY A 59 7.23 4.06 -2.37
CA GLY A 59 8.17 4.98 -1.80
C GLY A 59 7.54 6.31 -1.45
N GLU A 60 8.10 7.38 -1.94
CA GLU A 60 7.62 8.71 -1.61
C GLU A 60 6.53 9.16 -2.53
N ASP A 61 6.27 8.35 -3.51
CA ASP A 61 5.18 8.58 -4.43
C ASP A 61 3.92 8.00 -3.86
N ALA A 62 4.06 7.25 -2.80
CA ALA A 62 2.96 6.69 -2.10
C ALA A 62 2.80 7.45 -0.79
N PRO A 63 1.58 7.64 -0.29
CA PRO A 63 1.35 8.31 0.99
C PRO A 63 1.60 7.36 2.16
N ARG A 64 1.68 7.92 3.35
CA ARG A 64 1.85 7.11 4.55
C ARG A 64 0.56 6.37 4.78
N ARG A 65 0.63 5.27 5.48
CA ARG A 65 -0.57 4.50 5.85
C ARG A 65 -1.58 5.42 6.60
N ALA A 66 -1.03 6.32 7.41
CA ALA A 66 -1.80 7.29 8.19
C ALA A 66 -2.56 8.28 7.30
N GLU A 67 -2.13 8.41 6.07
CA GLU A 67 -2.74 9.35 5.14
C GLU A 67 -3.57 8.58 4.11
N LEU A 68 -3.09 7.39 3.81
CA LEU A 68 -3.61 6.49 2.81
C LEU A 68 -5.09 6.16 2.97
N GLU A 69 -5.51 5.84 4.18
CA GLU A 69 -6.88 5.36 4.42
C GLU A 69 -7.91 6.38 3.94
N MET A 70 -7.70 7.61 4.32
CA MET A 70 -8.58 8.72 3.93
C MET A 70 -8.41 9.03 2.45
N TRP A 71 -7.20 8.83 1.96
CA TRP A 71 -6.82 9.05 0.58
C TRP A 71 -7.57 8.08 -0.36
N LEU A 72 -7.61 6.81 0.04
CA LEU A 72 -8.30 5.73 -0.71
C LEU A 72 -9.79 6.06 -0.95
N GLN A 73 -10.40 6.76 -0.01
CA GLN A 73 -11.79 7.09 -0.10
C GLN A 73 -12.06 8.03 -1.30
N GLY A 74 -11.07 8.85 -1.62
CA GLY A 74 -11.20 9.78 -2.74
C GLY A 74 -10.49 9.26 -3.98
N HIS A 75 -9.82 8.13 -3.86
CA HIS A 75 -9.09 7.51 -4.97
C HIS A 75 -9.44 6.02 -5.01
N PRO A 76 -10.62 5.70 -5.55
CA PRO A 76 -11.17 4.33 -5.52
C PRO A 76 -10.49 3.33 -6.45
N GLU A 77 -9.70 3.81 -7.40
CA GLU A 77 -9.09 2.90 -8.35
C GLU A 77 -7.73 2.41 -7.90
N PHE A 78 -7.33 2.83 -6.74
CA PHE A 78 -6.07 2.40 -6.20
C PHE A 78 -6.26 1.28 -5.20
N ALA A 79 -5.58 0.20 -5.44
CA ALA A 79 -5.64 -0.95 -4.59
C ALA A 79 -4.24 -1.27 -4.10
N VAL A 80 -4.15 -2.01 -3.05
CA VAL A 80 -2.86 -2.38 -2.45
C VAL A 80 -2.06 -3.34 -3.38
N ASP A 81 -0.77 -3.10 -3.44
CA ASP A 81 0.17 -3.91 -4.23
C ASP A 81 0.23 -5.37 -3.71
N PRO A 82 0.17 -6.36 -4.63
CA PRO A 82 0.19 -7.78 -4.28
C PRO A 82 1.53 -8.26 -3.70
N ARG A 83 2.60 -7.56 -4.00
CA ARG A 83 3.93 -7.93 -3.51
C ARG A 83 4.01 -7.54 -2.05
N PHE A 84 3.42 -6.41 -1.72
CA PHE A 84 3.34 -5.97 -0.34
C PHE A 84 2.50 -6.95 0.46
N LEU A 85 1.47 -7.50 -0.17
CA LEU A 85 0.63 -8.50 0.44
C LEU A 85 1.44 -9.77 0.74
N ALA A 86 2.42 -10.05 -0.14
CA ALA A 86 3.31 -11.16 0.06
C ALA A 86 4.20 -10.90 1.27
N TYR A 87 4.65 -9.65 1.40
CA TYR A 87 5.45 -9.22 2.55
C TYR A 87 4.68 -9.34 3.85
N MET A 88 3.38 -9.12 3.79
CA MET A 88 2.52 -9.30 4.96
C MET A 88 2.55 -10.76 5.40
N GLU A 89 2.49 -11.67 4.44
CA GLU A 89 2.57 -13.09 4.70
C GLU A 89 3.95 -13.47 5.19
N ASP A 90 4.93 -12.83 4.61
CA ASP A 90 6.33 -12.99 4.99
C ASP A 90 6.55 -12.65 6.46
N ARG A 91 5.83 -11.64 6.94
CA ARG A 91 5.94 -11.22 8.33
C ARG A 91 5.24 -12.21 9.25
N ARG A 92 4.17 -12.83 8.74
CA ARG A 92 3.30 -13.77 9.49
C ARG A 92 4.12 -14.87 10.20
N LYS A 93 5.23 -15.23 9.61
CA LYS A 93 6.12 -16.20 10.22
C LYS A 93 7.52 -15.62 10.28
N GLN A 94 8.03 -15.43 11.47
CA GLN A 94 9.42 -15.03 11.63
C GLN A 94 10.25 -16.27 11.44
N LYS A 95 9.96 -17.28 12.26
CA LYS A 95 10.59 -18.59 12.17
C LYS A 95 9.56 -19.63 12.56
N LEU A 38 0.62 -4.88 12.60
CA LEU A 38 0.55 -3.89 11.53
C LEU A 38 1.86 -3.81 10.77
N ASP A 39 2.96 -4.13 11.46
CA ASP A 39 4.36 -4.05 10.97
C ASP A 39 4.79 -2.59 10.80
N VAL A 40 4.05 -1.89 9.96
CA VAL A 40 4.31 -0.51 9.64
C VAL A 40 4.13 0.39 10.87
N ASP A 41 4.65 1.57 10.80
CA ASP A 41 4.60 2.51 11.92
C ASP A 41 3.69 3.68 11.57
N LEU A 42 2.73 3.40 10.69
CA LEU A 42 1.71 4.36 10.19
C LEU A 42 2.27 5.41 9.23
N GLU A 43 3.48 5.83 9.47
CA GLU A 43 4.13 6.80 8.60
C GLU A 43 4.59 6.14 7.32
N THR A 44 4.62 4.84 7.38
CA THR A 44 5.08 3.99 6.35
C THR A 44 4.20 4.07 5.12
N ARG A 45 4.77 4.53 4.06
CA ARG A 45 4.16 4.62 2.76
C ARG A 45 3.77 3.25 2.20
N ILE A 46 2.49 2.97 2.22
CA ILE A 46 1.94 1.76 1.65
C ILE A 46 1.90 1.90 0.13
N PRO A 47 2.59 1.02 -0.61
CA PRO A 47 2.56 1.03 -2.06
C PRO A 47 1.17 0.69 -2.59
N VAL A 48 0.71 1.47 -3.53
CA VAL A 48 -0.59 1.29 -4.10
C VAL A 48 -0.49 1.17 -5.59
N ILE A 49 -1.45 0.53 -6.18
CA ILE A 49 -1.49 0.37 -7.61
C ILE A 49 -2.86 0.75 -8.13
N ASN A 50 -2.87 1.55 -9.15
CA ASN A 50 -4.09 1.94 -9.83
C ASN A 50 -4.48 0.79 -10.72
N LYS A 51 -5.61 0.19 -10.46
CA LYS A 51 -6.08 -0.98 -11.20
C LYS A 51 -6.41 -0.66 -12.65
N VAL A 52 -6.74 0.57 -12.92
CA VAL A 52 -7.11 0.99 -14.26
C VAL A 52 -5.86 1.31 -15.05
N ASP A 53 -5.09 2.26 -14.56
CA ASP A 53 -3.93 2.75 -15.25
C ASP A 53 -2.76 1.80 -15.19
N GLY A 54 -2.63 1.12 -14.07
CA GLY A 54 -1.52 0.21 -13.88
C GLY A 54 -0.41 0.89 -13.13
N THR A 55 -0.66 2.16 -12.83
CA THR A 55 0.27 3.00 -12.14
C THR A 55 0.54 2.49 -10.71
N LEU A 56 1.72 1.97 -10.51
CA LEU A 56 2.15 1.51 -9.23
C LEU A 56 2.95 2.61 -8.55
N LEU A 57 2.58 2.94 -7.35
CA LEU A 57 3.23 3.98 -6.60
C LEU A 57 3.99 3.34 -5.47
N VAL A 58 5.28 3.47 -5.49
CA VAL A 58 6.13 2.92 -4.46
C VAL A 58 6.99 4.02 -3.90
N GLY A 59 7.56 3.79 -2.76
CA GLY A 59 8.41 4.76 -2.15
C GLY A 59 7.59 5.90 -1.66
N GLU A 60 8.15 7.06 -1.60
CA GLU A 60 7.44 8.18 -1.04
C GLU A 60 6.53 8.89 -2.05
N ASP A 61 6.25 8.19 -3.14
CA ASP A 61 5.28 8.61 -4.12
C ASP A 61 3.94 8.04 -3.73
N ALA A 62 4.01 7.04 -2.86
CA ALA A 62 2.86 6.36 -2.33
C ALA A 62 2.46 7.03 -1.02
N PRO A 63 1.18 6.98 -0.65
CA PRO A 63 0.69 7.62 0.58
C PRO A 63 1.11 6.87 1.86
N ARG A 64 1.18 7.59 2.95
CA ARG A 64 1.48 6.98 4.24
C ARG A 64 0.30 6.17 4.69
N ARG A 65 0.56 5.15 5.45
CA ARG A 65 -0.49 4.31 6.00
C ARG A 65 -1.49 5.14 6.84
N ALA A 66 -0.99 6.16 7.51
CA ALA A 66 -1.82 7.04 8.33
C ALA A 66 -2.85 7.79 7.47
N GLU A 67 -2.50 8.12 6.26
CA GLU A 67 -3.39 8.89 5.41
C GLU A 67 -4.06 7.98 4.39
N LEU A 68 -3.65 6.72 4.39
CA LEU A 68 -4.07 5.71 3.41
C LEU A 68 -5.59 5.57 3.33
N GLU A 69 -6.24 5.39 4.46
CA GLU A 69 -7.71 5.28 4.50
C GLU A 69 -8.42 6.53 3.95
N MET A 70 -7.84 7.68 4.20
CA MET A 70 -8.38 8.94 3.74
C MET A 70 -8.14 9.09 2.24
N TRP A 71 -6.96 8.69 1.83
CA TRP A 71 -6.51 8.80 0.47
C TRP A 71 -7.30 7.87 -0.45
N LEU A 72 -7.40 6.58 -0.05
CA LEU A 72 -8.15 5.56 -0.82
C LEU A 72 -9.62 5.89 -0.98
N GLN A 73 -10.19 6.55 0.01
CA GLN A 73 -11.57 6.96 -0.05
C GLN A 73 -11.82 7.85 -1.29
N GLY A 74 -10.84 8.67 -1.60
CA GLY A 74 -10.94 9.55 -2.75
C GLY A 74 -10.17 9.01 -3.94
N HIS A 75 -9.70 7.78 -3.82
CA HIS A 75 -8.92 7.10 -4.88
C HIS A 75 -9.27 5.61 -4.91
N PRO A 76 -10.53 5.24 -5.23
CA PRO A 76 -10.97 3.84 -5.18
C PRO A 76 -10.48 3.02 -6.36
N GLU A 77 -9.81 3.65 -7.31
CA GLU A 77 -9.27 2.93 -8.44
C GLU A 77 -7.88 2.41 -8.07
N PHE A 78 -7.35 2.93 -6.97
CA PHE A 78 -6.09 2.51 -6.44
C PHE A 78 -6.35 1.51 -5.33
N ALA A 79 -5.54 0.51 -5.27
CA ALA A 79 -5.65 -0.48 -4.22
C ALA A 79 -4.28 -0.81 -3.72
N VAL A 80 -4.21 -1.59 -2.68
CA VAL A 80 -2.95 -1.97 -2.08
C VAL A 80 -2.16 -2.93 -2.99
N ASP A 81 -0.87 -2.67 -3.10
CA ASP A 81 0.06 -3.47 -3.89
C ASP A 81 0.05 -4.94 -3.48
N PRO A 82 -0.22 -5.86 -4.45
CA PRO A 82 -0.23 -7.31 -4.21
C PRO A 82 1.12 -7.82 -3.71
N ARG A 83 2.18 -7.17 -4.12
CA ARG A 83 3.52 -7.54 -3.70
C ARG A 83 3.68 -7.22 -2.21
N PHE A 84 3.15 -6.09 -1.79
CA PHE A 84 3.15 -5.70 -0.39
C PHE A 84 2.28 -6.66 0.40
N LEU A 85 1.20 -7.09 -0.22
CA LEU A 85 0.33 -8.09 0.37
C LEU A 85 1.11 -9.38 0.59
N ALA A 86 1.95 -9.74 -0.38
CA ALA A 86 2.79 -10.93 -0.30
C ALA A 86 3.74 -10.86 0.89
N TYR A 87 4.16 -9.65 1.26
CA TYR A 87 4.98 -9.44 2.44
C TYR A 87 4.15 -9.68 3.69
N MET A 88 2.96 -9.11 3.71
CA MET A 88 2.06 -9.26 4.85
C MET A 88 1.62 -10.69 5.03
N GLU A 89 1.37 -11.37 3.94
CA GLU A 89 0.97 -12.78 3.91
C GLU A 89 2.12 -13.69 4.30
N ASP A 90 3.32 -13.25 4.00
CA ASP A 90 4.57 -13.97 4.36
C ASP A 90 4.69 -14.01 5.90
N ARG A 91 4.11 -12.96 6.54
CA ARG A 91 3.98 -12.85 8.03
C ARG A 91 5.34 -12.72 8.70
N ARG A 92 5.37 -12.94 10.02
CA ARG A 92 6.63 -13.00 10.72
C ARG A 92 7.27 -14.30 10.35
N LYS A 93 8.39 -14.21 9.73
CA LYS A 93 9.03 -15.34 9.17
C LYS A 93 10.33 -15.61 9.87
N GLN A 94 10.65 -16.87 10.06
CA GLN A 94 11.90 -17.24 10.67
C GLN A 94 13.00 -17.26 9.59
N LYS A 95 13.22 -16.10 9.05
CA LYS A 95 14.23 -15.81 8.07
C LYS A 95 14.72 -14.44 8.40
N LEU A 38 -0.47 -2.60 14.30
CA LEU A 38 0.65 -2.65 15.25
C LEU A 38 1.80 -3.54 14.78
N ASP A 39 2.63 -2.94 13.96
CA ASP A 39 3.85 -3.48 13.31
C ASP A 39 4.14 -2.50 12.24
N VAL A 40 3.05 -2.09 11.64
CA VAL A 40 3.03 -0.98 10.74
C VAL A 40 2.80 0.24 11.63
N ASP A 41 3.79 1.08 11.71
CA ASP A 41 3.79 2.23 12.64
C ASP A 41 3.13 3.45 12.04
N LEU A 42 2.33 3.24 11.00
CA LEU A 42 1.56 4.29 10.29
C LEU A 42 2.42 5.21 9.42
N GLU A 43 3.70 5.32 9.73
CA GLU A 43 4.61 6.20 9.02
C GLU A 43 5.05 5.62 7.69
N THR A 44 4.86 4.32 7.51
CA THR A 44 5.23 3.67 6.28
C THR A 44 4.31 4.15 5.16
N ARG A 45 4.79 4.02 3.96
CA ARG A 45 4.06 4.44 2.81
C ARG A 45 3.54 3.17 2.17
N ILE A 46 2.25 2.94 2.29
CA ILE A 46 1.64 1.76 1.71
C ILE A 46 1.56 1.90 0.20
N PRO A 47 2.28 1.05 -0.54
CA PRO A 47 2.28 1.10 -1.98
C PRO A 47 0.94 0.68 -2.54
N VAL A 48 0.45 1.46 -3.47
CA VAL A 48 -0.83 1.22 -4.06
C VAL A 48 -0.71 1.19 -5.56
N ILE A 49 -1.59 0.48 -6.19
CA ILE A 49 -1.60 0.37 -7.61
C ILE A 49 -2.99 0.67 -8.13
N ASN A 50 -3.06 1.44 -9.19
CA ASN A 50 -4.31 1.71 -9.86
C ASN A 50 -4.70 0.46 -10.60
N LYS A 51 -5.82 -0.13 -10.26
CA LYS A 51 -6.24 -1.40 -10.84
C LYS A 51 -6.59 -1.32 -12.32
N VAL A 52 -6.88 -0.15 -12.80
CA VAL A 52 -7.22 0.01 -14.19
C VAL A 52 -5.96 0.23 -15.02
N ASP A 53 -5.26 1.29 -14.71
CA ASP A 53 -4.08 1.71 -15.49
C ASP A 53 -2.87 0.87 -15.18
N GLY A 54 -2.63 0.62 -13.93
CA GLY A 54 -1.45 -0.10 -13.53
C GLY A 54 -0.43 0.82 -12.90
N THR A 55 -0.82 2.08 -12.72
CA THR A 55 0.02 3.06 -12.04
C THR A 55 0.34 2.57 -10.63
N LEU A 56 1.59 2.31 -10.39
CA LEU A 56 2.03 1.81 -9.12
C LEU A 56 2.75 2.92 -8.36
N LEU A 57 2.32 3.17 -7.15
CA LEU A 57 2.93 4.17 -6.32
C LEU A 57 3.70 3.49 -5.23
N VAL A 58 5.00 3.67 -5.24
CA VAL A 58 5.88 3.07 -4.26
C VAL A 58 6.82 4.12 -3.72
N GLY A 59 7.52 3.78 -2.66
CA GLY A 59 8.45 4.69 -2.07
C GLY A 59 7.73 5.78 -1.34
N GLU A 60 8.15 7.00 -1.55
CA GLU A 60 7.56 8.13 -0.88
C GLU A 60 6.36 8.63 -1.63
N ASP A 61 6.21 8.14 -2.83
CA ASP A 61 5.12 8.56 -3.69
C ASP A 61 3.86 7.88 -3.24
N ALA A 62 4.02 6.74 -2.62
CA ALA A 62 2.94 6.00 -2.07
C ALA A 62 2.44 6.69 -0.82
N PRO A 63 1.13 6.74 -0.61
CA PRO A 63 0.53 7.42 0.54
C PRO A 63 0.93 6.81 1.89
N ARG A 64 1.08 7.67 2.88
CA ARG A 64 1.41 7.29 4.22
C ARG A 64 0.26 6.45 4.76
N ARG A 65 0.55 5.39 5.48
CA ARG A 65 -0.48 4.51 6.04
C ARG A 65 -1.53 5.30 6.86
N ALA A 66 -1.07 6.29 7.59
CA ALA A 66 -1.95 7.11 8.41
C ALA A 66 -2.99 7.89 7.57
N GLU A 67 -2.67 8.17 6.32
CA GLU A 67 -3.57 8.91 5.46
C GLU A 67 -4.15 8.02 4.35
N LEU A 68 -3.63 6.79 4.27
CA LEU A 68 -3.98 5.79 3.23
C LEU A 68 -5.49 5.62 3.12
N GLU A 69 -6.12 5.47 4.25
CA GLU A 69 -7.56 5.31 4.36
C GLU A 69 -8.31 6.53 3.76
N MET A 70 -7.82 7.71 4.08
CA MET A 70 -8.40 8.97 3.63
C MET A 70 -8.08 9.22 2.16
N TRP A 71 -6.93 8.74 1.75
CA TRP A 71 -6.45 8.90 0.40
C TRP A 71 -7.31 8.08 -0.57
N LEU A 72 -7.59 6.83 -0.19
CA LEU A 72 -8.44 5.92 -0.97
C LEU A 72 -9.84 6.47 -1.12
N GLN A 73 -10.29 7.20 -0.10
CA GLN A 73 -11.56 7.87 -0.09
C GLN A 73 -11.69 8.80 -1.33
N GLY A 74 -10.56 9.36 -1.74
CA GLY A 74 -10.56 10.26 -2.87
C GLY A 74 -10.00 9.61 -4.13
N HIS A 75 -9.52 8.39 -4.00
CA HIS A 75 -8.91 7.67 -5.12
C HIS A 75 -9.35 6.20 -5.05
N PRO A 76 -10.57 5.89 -5.51
CA PRO A 76 -11.14 4.54 -5.43
C PRO A 76 -10.67 3.61 -6.54
N GLU A 77 -9.72 4.06 -7.31
CA GLU A 77 -9.22 3.28 -8.42
C GLU A 77 -7.90 2.62 -8.04
N PHE A 78 -7.52 2.78 -6.80
CA PHE A 78 -6.29 2.23 -6.31
C PHE A 78 -6.55 1.17 -5.28
N ALA A 79 -5.67 0.23 -5.21
CA ALA A 79 -5.73 -0.84 -4.25
C ALA A 79 -4.32 -1.09 -3.76
N VAL A 80 -4.18 -1.87 -2.70
CA VAL A 80 -2.85 -2.18 -2.15
C VAL A 80 -2.02 -2.99 -3.16
N ASP A 81 -0.75 -2.65 -3.26
CA ASP A 81 0.20 -3.33 -4.14
C ASP A 81 0.35 -4.80 -3.74
N PRO A 82 0.05 -5.73 -4.68
CA PRO A 82 0.18 -7.17 -4.45
C PRO A 82 1.62 -7.58 -4.11
N ARG A 83 2.58 -6.76 -4.51
CA ARG A 83 3.98 -7.01 -4.21
C ARG A 83 4.25 -6.78 -2.73
N PHE A 84 3.54 -5.82 -2.16
CA PHE A 84 3.64 -5.54 -0.73
C PHE A 84 3.00 -6.67 0.04
N LEU A 85 1.96 -7.24 -0.54
CA LEU A 85 1.31 -8.38 0.03
C LEU A 85 2.25 -9.59 -0.06
N ALA A 86 3.05 -9.62 -1.13
CA ALA A 86 4.07 -10.65 -1.31
C ALA A 86 5.19 -10.45 -0.30
N TYR A 87 5.45 -9.20 0.06
CA TYR A 87 6.41 -8.87 1.10
C TYR A 87 5.90 -9.38 2.45
N MET A 88 4.60 -9.36 2.64
CA MET A 88 3.99 -9.91 3.84
C MET A 88 4.18 -11.43 3.85
N GLU A 89 4.07 -12.02 2.65
CA GLU A 89 4.28 -13.45 2.44
C GLU A 89 5.74 -13.82 2.68
N ASP A 90 6.62 -12.89 2.40
CA ASP A 90 8.06 -13.05 2.65
C ASP A 90 8.30 -13.21 4.13
N ARG A 91 7.69 -12.34 4.91
CA ARG A 91 7.83 -12.37 6.34
C ARG A 91 7.06 -13.54 6.95
N ARG A 92 5.73 -13.35 7.07
CA ARG A 92 4.83 -14.28 7.76
C ARG A 92 5.38 -14.60 9.16
N LYS A 93 4.90 -15.67 9.71
CA LYS A 93 5.41 -16.20 10.92
C LYS A 93 5.72 -17.66 10.67
N GLN A 94 6.72 -17.87 9.84
CA GLN A 94 7.09 -19.20 9.45
C GLN A 94 8.49 -19.54 9.90
N LYS A 95 8.86 -20.77 9.77
CA LYS A 95 10.14 -21.20 10.20
C LYS A 95 11.12 -21.27 9.04
N LEU A 38 -1.30 -4.76 14.30
CA LEU A 38 -0.40 -3.62 14.39
C LEU A 38 -0.25 -2.94 13.04
N ASP A 39 -0.44 -3.73 11.99
CA ASP A 39 -0.38 -3.29 10.60
C ASP A 39 1.05 -2.85 10.23
N VAL A 40 1.35 -1.57 10.37
CA VAL A 40 2.67 -1.01 10.10
C VAL A 40 2.91 0.18 11.04
N ASP A 41 3.99 0.92 10.83
CA ASP A 41 4.37 2.05 11.72
C ASP A 41 3.55 3.31 11.47
N LEU A 42 2.43 3.18 10.77
CA LEU A 42 1.50 4.26 10.43
C LEU A 42 2.07 5.27 9.42
N GLU A 43 3.30 5.68 9.59
CA GLU A 43 3.90 6.57 8.65
C GLU A 43 4.63 5.81 7.55
N THR A 44 4.48 4.51 7.57
CA THR A 44 4.98 3.64 6.55
C THR A 44 4.22 3.93 5.25
N ARG A 45 4.92 4.14 4.17
CA ARG A 45 4.30 4.42 2.90
C ARG A 45 3.91 3.13 2.21
N ILE A 46 2.64 2.80 2.27
CA ILE A 46 2.11 1.61 1.66
C ILE A 46 2.07 1.77 0.13
N PRO A 47 2.63 0.80 -0.62
CA PRO A 47 2.57 0.82 -2.07
C PRO A 47 1.14 0.62 -2.54
N VAL A 48 0.71 1.50 -3.39
CA VAL A 48 -0.63 1.43 -3.94
C VAL A 48 -0.56 1.39 -5.43
N ILE A 49 -1.43 0.65 -6.02
CA ILE A 49 -1.43 0.50 -7.44
C ILE A 49 -2.77 0.94 -8.00
N ASN A 50 -2.74 1.67 -9.10
CA ASN A 50 -3.96 2.04 -9.78
C ASN A 50 -4.37 0.82 -10.57
N LYS A 51 -5.48 0.25 -10.22
CA LYS A 51 -5.94 -0.98 -10.83
C LYS A 51 -6.39 -0.79 -12.27
N VAL A 52 -6.78 0.41 -12.59
CA VAL A 52 -7.25 0.71 -13.92
C VAL A 52 -6.06 1.03 -14.82
N ASP A 53 -5.23 1.94 -14.36
CA ASP A 53 -4.06 2.39 -15.11
C ASP A 53 -2.92 1.38 -15.01
N GLY A 54 -2.46 1.12 -13.82
CA GLY A 54 -1.36 0.20 -13.63
C GLY A 54 -0.21 0.80 -12.87
N THR A 55 -0.21 2.12 -12.71
CA THR A 55 0.86 2.80 -11.99
C THR A 55 0.93 2.36 -10.52
N LEU A 56 2.09 1.86 -10.15
CA LEU A 56 2.37 1.47 -8.79
C LEU A 56 3.10 2.63 -8.11
N LEU A 57 2.59 3.04 -7.00
CA LEU A 57 3.17 4.12 -6.26
C LEU A 57 4.03 3.57 -5.15
N VAL A 58 5.30 3.76 -5.30
CA VAL A 58 6.29 3.40 -4.32
C VAL A 58 7.16 4.61 -4.09
N GLY A 59 8.06 4.52 -3.16
CA GLY A 59 8.94 5.63 -2.91
C GLY A 59 8.22 6.75 -2.24
N GLU A 60 8.26 7.92 -2.85
CA GLU A 60 7.62 9.10 -2.29
C GLU A 60 6.27 9.33 -2.93
N ASP A 61 5.94 8.48 -3.87
CA ASP A 61 4.65 8.54 -4.55
C ASP A 61 3.59 7.91 -3.70
N ALA A 62 4.01 6.97 -2.90
CA ALA A 62 3.11 6.25 -2.04
C ALA A 62 2.84 7.06 -0.78
N PRO A 63 1.58 7.15 -0.35
CA PRO A 63 1.21 7.90 0.84
C PRO A 63 1.44 7.10 2.11
N ARG A 64 1.49 7.78 3.24
CA ARG A 64 1.69 7.12 4.50
C ARG A 64 0.41 6.42 4.90
N ARG A 65 0.57 5.29 5.55
CA ARG A 65 -0.54 4.46 6.03
C ARG A 65 -1.59 5.27 6.81
N ALA A 66 -1.13 6.24 7.57
CA ALA A 66 -1.99 7.12 8.35
C ALA A 66 -2.95 7.92 7.45
N GLU A 67 -2.50 8.30 6.25
CA GLU A 67 -3.37 9.06 5.34
C GLU A 67 -4.05 8.11 4.35
N LEU A 68 -3.43 6.96 4.19
CA LEU A 68 -3.79 5.92 3.23
C LEU A 68 -5.28 5.59 3.23
N GLU A 69 -5.87 5.42 4.42
CA GLU A 69 -7.30 5.07 4.54
C GLU A 69 -8.18 6.06 3.80
N MET A 70 -8.06 7.31 4.16
CA MET A 70 -8.86 8.39 3.56
C MET A 70 -8.50 8.60 2.11
N TRP A 71 -7.22 8.47 1.80
CA TRP A 71 -6.75 8.67 0.44
C TRP A 71 -7.34 7.62 -0.51
N LEU A 72 -7.40 6.37 -0.07
CA LEU A 72 -7.97 5.29 -0.87
C LEU A 72 -9.45 5.49 -1.11
N GLN A 73 -10.13 6.09 -0.16
CA GLN A 73 -11.53 6.42 -0.31
C GLN A 73 -11.71 7.44 -1.45
N GLY A 74 -10.77 8.37 -1.53
CA GLY A 74 -10.80 9.41 -2.55
C GLY A 74 -10.35 8.91 -3.93
N HIS A 75 -9.72 7.74 -3.95
CA HIS A 75 -9.25 7.14 -5.17
C HIS A 75 -9.50 5.65 -5.17
N PRO A 76 -10.70 5.21 -5.60
CA PRO A 76 -11.04 3.79 -5.67
C PRO A 76 -10.26 3.09 -6.79
N GLU A 77 -9.59 3.91 -7.60
CA GLU A 77 -8.70 3.46 -8.66
C GLU A 77 -7.54 2.69 -8.06
N PHE A 78 -7.04 3.23 -6.97
CA PHE A 78 -5.90 2.70 -6.32
C PHE A 78 -6.30 1.79 -5.20
N ALA A 79 -5.55 0.75 -5.03
CA ALA A 79 -5.73 -0.18 -3.96
C ALA A 79 -4.37 -0.57 -3.47
N VAL A 80 -4.31 -1.25 -2.34
CA VAL A 80 -3.05 -1.70 -1.78
C VAL A 80 -2.40 -2.72 -2.73
N ASP A 81 -1.10 -2.57 -2.92
CA ASP A 81 -0.34 -3.43 -3.82
C ASP A 81 -0.42 -4.91 -3.42
N PRO A 82 -0.93 -5.76 -4.35
CA PRO A 82 -1.07 -7.20 -4.12
C PRO A 82 0.27 -7.89 -3.93
N ARG A 83 1.33 -7.28 -4.42
CA ARG A 83 2.67 -7.80 -4.26
C ARG A 83 3.07 -7.65 -2.80
N PHE A 84 2.92 -6.44 -2.28
CA PHE A 84 3.16 -6.13 -0.88
C PHE A 84 2.37 -7.06 0.04
N LEU A 85 1.11 -7.31 -0.31
CA LEU A 85 0.25 -8.21 0.46
C LEU A 85 0.86 -9.63 0.53
N ALA A 86 1.22 -10.14 -0.63
CA ALA A 86 1.79 -11.49 -0.74
C ALA A 86 3.15 -11.55 -0.07
N TYR A 87 3.89 -10.48 -0.14
CA TYR A 87 5.19 -10.37 0.45
C TYR A 87 5.09 -10.34 1.97
N MET A 88 4.14 -9.56 2.46
CA MET A 88 3.94 -9.37 3.90
C MET A 88 3.64 -10.70 4.60
N GLU A 89 2.85 -11.55 3.96
CA GLU A 89 2.54 -12.84 4.54
C GLU A 89 3.68 -13.84 4.39
N ASP A 90 4.45 -13.75 3.29
CA ASP A 90 5.59 -14.68 3.07
C ASP A 90 6.69 -14.34 4.06
N ARG A 91 6.80 -13.05 4.34
CA ARG A 91 7.69 -12.50 5.33
C ARG A 91 7.45 -13.14 6.70
N ARG A 92 6.22 -13.11 7.17
CA ARG A 92 5.90 -13.73 8.44
C ARG A 92 5.38 -15.14 8.23
N LYS A 93 6.32 -16.02 7.98
CA LYS A 93 6.08 -17.41 7.70
C LYS A 93 7.41 -18.11 7.83
N GLN A 94 7.43 -19.27 8.43
CA GLN A 94 8.67 -20.01 8.61
C GLN A 94 9.15 -20.58 7.31
N LYS A 95 8.34 -21.43 6.71
CA LYS A 95 8.71 -22.06 5.47
C LYS A 95 7.49 -22.32 4.63
N LEU A 38 1.89 -6.98 12.72
CA LEU A 38 2.37 -5.89 13.57
C LEU A 38 2.18 -4.63 12.78
N ASP A 39 2.15 -4.83 11.47
CA ASP A 39 1.92 -3.80 10.46
C ASP A 39 3.09 -2.81 10.46
N VAL A 40 2.91 -1.68 9.87
CA VAL A 40 3.94 -0.72 9.73
C VAL A 40 3.86 0.35 10.83
N ASP A 41 4.77 1.29 10.80
CA ASP A 41 4.88 2.31 11.86
C ASP A 41 4.11 3.59 11.49
N LEU A 42 3.10 3.44 10.63
CA LEU A 42 2.20 4.52 10.17
C LEU A 42 2.86 5.54 9.23
N GLU A 43 4.08 5.91 9.51
CA GLU A 43 4.83 6.84 8.68
C GLU A 43 5.37 6.14 7.46
N THR A 44 5.26 4.83 7.48
CA THR A 44 5.65 3.98 6.42
C THR A 44 4.74 4.25 5.21
N ARG A 45 5.27 4.10 4.03
CA ARG A 45 4.45 4.31 2.86
C ARG A 45 4.07 2.98 2.25
N ILE A 46 2.80 2.79 2.11
CA ILE A 46 2.29 1.58 1.52
C ILE A 46 2.22 1.75 0.01
N PRO A 47 2.80 0.79 -0.73
CA PRO A 47 2.73 0.80 -2.18
C PRO A 47 1.30 0.60 -2.66
N VAL A 48 0.82 1.52 -3.44
CA VAL A 48 -0.51 1.43 -3.97
C VAL A 48 -0.47 1.36 -5.47
N ILE A 49 -1.43 0.71 -6.04
CA ILE A 49 -1.44 0.55 -7.45
C ILE A 49 -2.80 0.89 -8.03
N ASN A 50 -2.77 1.60 -9.12
CA ASN A 50 -3.97 1.93 -9.89
C ASN A 50 -4.30 0.69 -10.70
N LYS A 51 -5.46 0.13 -10.52
CA LYS A 51 -5.82 -1.11 -11.22
C LYS A 51 -6.09 -0.86 -12.69
N VAL A 52 -6.57 0.31 -13.00
CA VAL A 52 -6.95 0.65 -14.35
C VAL A 52 -5.69 0.96 -15.17
N ASP A 53 -4.91 1.88 -14.67
CA ASP A 53 -3.73 2.32 -15.38
C ASP A 53 -2.52 1.43 -15.12
N GLY A 54 -2.41 0.90 -13.92
CA GLY A 54 -1.28 0.07 -13.57
C GLY A 54 -0.20 0.88 -12.94
N THR A 55 -0.54 2.10 -12.59
CA THR A 55 0.36 3.02 -11.98
C THR A 55 0.65 2.59 -10.54
N LEU A 56 1.88 2.22 -10.29
CA LEU A 56 2.29 1.78 -8.98
C LEU A 56 3.02 2.92 -8.28
N LEU A 57 2.53 3.28 -7.14
CA LEU A 57 3.12 4.37 -6.39
C LEU A 57 3.94 3.83 -5.27
N VAL A 58 5.22 4.07 -5.37
CA VAL A 58 6.16 3.65 -4.37
C VAL A 58 6.98 4.83 -3.93
N GLY A 59 7.71 4.67 -2.87
CA GLY A 59 8.56 5.71 -2.38
C GLY A 59 7.78 6.81 -1.73
N GLU A 60 8.26 8.02 -1.84
CA GLU A 60 7.64 9.14 -1.17
C GLU A 60 6.53 9.74 -2.01
N ASP A 61 6.20 9.05 -3.07
CA ASP A 61 5.08 9.41 -3.94
C ASP A 61 3.87 8.61 -3.52
N ALA A 62 4.13 7.62 -2.69
CA ALA A 62 3.10 6.76 -2.18
C ALA A 62 2.55 7.37 -0.90
N PRO A 63 1.27 7.11 -0.60
CA PRO A 63 0.64 7.64 0.60
C PRO A 63 1.20 7.02 1.88
N ARG A 64 1.29 7.85 2.89
CA ARG A 64 1.72 7.46 4.19
C ARG A 64 0.61 6.58 4.77
N ARG A 65 0.94 5.51 5.48
CA ARG A 65 -0.08 4.58 5.99
C ARG A 65 -1.15 5.28 6.83
N ALA A 66 -0.74 6.32 7.53
CA ALA A 66 -1.64 7.12 8.35
C ALA A 66 -2.78 7.77 7.52
N GLU A 67 -2.51 8.06 6.26
CA GLU A 67 -3.49 8.74 5.41
C GLU A 67 -4.12 7.75 4.43
N LEU A 68 -3.56 6.54 4.42
CA LEU A 68 -3.86 5.49 3.44
C LEU A 68 -5.37 5.20 3.30
N GLU A 69 -6.06 5.08 4.42
CA GLU A 69 -7.47 4.74 4.36
C GLU A 69 -8.29 5.84 3.69
N MET A 70 -8.13 7.07 4.16
CA MET A 70 -8.83 8.22 3.58
C MET A 70 -8.41 8.45 2.14
N TRP A 71 -7.15 8.16 1.86
CA TRP A 71 -6.61 8.30 0.52
C TRP A 71 -7.30 7.32 -0.43
N LEU A 72 -7.36 6.03 -0.04
CA LEU A 72 -8.04 5.00 -0.84
C LEU A 72 -9.51 5.32 -1.05
N GLN A 73 -10.12 5.93 -0.07
CA GLN A 73 -11.51 6.36 -0.16
C GLN A 73 -11.73 7.38 -1.29
N GLY A 74 -10.71 8.18 -1.54
CA GLY A 74 -10.80 9.18 -2.57
C GLY A 74 -10.25 8.69 -3.90
N HIS A 75 -9.59 7.56 -3.87
CA HIS A 75 -8.99 6.97 -5.05
C HIS A 75 -9.43 5.52 -5.18
N PRO A 76 -10.64 5.28 -5.70
CA PRO A 76 -11.18 3.92 -5.83
C PRO A 76 -10.47 3.10 -6.91
N GLU A 77 -9.81 3.80 -7.83
CA GLU A 77 -9.10 3.14 -8.93
C GLU A 77 -7.79 2.57 -8.42
N PHE A 78 -7.38 3.06 -7.27
CA PHE A 78 -6.17 2.62 -6.62
C PHE A 78 -6.51 1.63 -5.53
N ALA A 79 -5.59 0.79 -5.25
CA ALA A 79 -5.71 -0.17 -4.22
C ALA A 79 -4.35 -0.43 -3.67
N VAL A 80 -4.28 -1.16 -2.60
CA VAL A 80 -3.02 -1.52 -2.00
C VAL A 80 -2.37 -2.61 -2.85
N ASP A 81 -1.05 -2.52 -2.98
CA ASP A 81 -0.24 -3.48 -3.75
C ASP A 81 -0.56 -4.93 -3.33
N PRO A 82 -1.07 -5.75 -4.27
CA PRO A 82 -1.48 -7.14 -3.97
C PRO A 82 -0.30 -8.03 -3.57
N ARG A 83 0.86 -7.67 -4.05
CA ARG A 83 2.08 -8.35 -3.73
C ARG A 83 2.47 -8.05 -2.28
N PHE A 84 2.27 -6.81 -1.88
CA PHE A 84 2.49 -6.39 -0.50
C PHE A 84 1.48 -7.09 0.42
N LEU A 85 0.29 -7.33 -0.11
CA LEU A 85 -0.73 -8.09 0.61
C LEU A 85 -0.29 -9.53 0.81
N ALA A 86 0.36 -10.08 -0.21
CA ALA A 86 0.90 -11.43 -0.14
C ALA A 86 2.08 -11.46 0.84
N TYR A 87 2.83 -10.37 0.85
CA TYR A 87 3.98 -10.17 1.75
C TYR A 87 3.54 -10.34 3.21
N MET A 88 2.31 -9.90 3.51
CA MET A 88 1.74 -10.01 4.86
C MET A 88 1.59 -11.47 5.27
N GLU A 89 1.14 -12.28 4.32
CA GLU A 89 0.91 -13.70 4.53
C GLU A 89 2.21 -14.46 4.56
N ASP A 90 3.12 -14.08 3.68
CA ASP A 90 4.40 -14.72 3.58
C ASP A 90 5.25 -14.45 4.78
N ARG A 91 5.16 -13.21 5.30
CA ARG A 91 5.90 -12.72 6.49
C ARG A 91 7.39 -12.56 6.15
N ARG A 92 8.01 -13.66 5.82
CA ARG A 92 9.39 -13.68 5.41
C ARG A 92 9.40 -14.15 3.97
N LYS A 93 9.21 -13.20 3.08
CA LYS A 93 9.06 -13.47 1.68
C LYS A 93 10.38 -13.31 0.94
N GLN A 94 11.29 -12.60 1.53
CA GLN A 94 12.59 -12.44 0.94
C GLN A 94 13.42 -13.66 1.25
N LYS A 95 14.05 -14.21 0.21
CA LYS A 95 14.92 -15.39 0.30
C LYS A 95 14.16 -16.63 0.70
N LEU A 38 -2.76 -6.83 12.69
CA LEU A 38 -1.54 -6.63 11.92
C LEU A 38 -1.52 -5.24 11.31
N ASP A 39 -1.02 -4.31 12.07
CA ASP A 39 -0.94 -2.94 11.65
C ASP A 39 0.51 -2.48 11.61
N VAL A 40 0.80 -1.50 10.78
CA VAL A 40 2.16 -1.00 10.57
C VAL A 40 2.44 0.28 11.35
N ASP A 41 1.52 0.64 12.25
CA ASP A 41 1.62 1.83 13.12
C ASP A 41 1.45 3.12 12.35
N LEU A 42 1.01 2.98 11.09
CA LEU A 42 0.69 4.10 10.17
C LEU A 42 1.91 4.90 9.71
N GLU A 43 3.03 4.67 10.34
CA GLU A 43 4.24 5.46 10.13
C GLU A 43 5.06 5.04 8.91
N THR A 44 4.51 4.23 8.06
CA THR A 44 5.24 3.79 6.90
C THR A 44 4.51 4.29 5.63
N ARG A 45 5.10 4.10 4.47
CA ARG A 45 4.48 4.48 3.22
C ARG A 45 4.13 3.23 2.45
N ILE A 46 2.86 3.07 2.16
CA ILE A 46 2.36 1.87 1.54
C ILE A 46 2.28 2.03 0.04
N PRO A 47 2.91 1.11 -0.71
CA PRO A 47 2.82 1.12 -2.16
C PRO A 47 1.38 0.84 -2.62
N VAL A 48 0.93 1.60 -3.57
CA VAL A 48 -0.40 1.46 -4.10
C VAL A 48 -0.35 1.28 -5.58
N ILE A 49 -1.37 0.71 -6.13
CA ILE A 49 -1.41 0.49 -7.54
C ILE A 49 -2.76 0.95 -8.08
N ASN A 50 -2.71 1.61 -9.21
CA ASN A 50 -3.91 2.01 -9.90
C ASN A 50 -4.41 0.80 -10.66
N LYS A 51 -5.58 0.34 -10.33
CA LYS A 51 -6.16 -0.85 -10.91
C LYS A 51 -6.65 -0.64 -12.34
N VAL A 52 -6.90 0.60 -12.68
CA VAL A 52 -7.37 0.95 -14.01
C VAL A 52 -6.18 1.16 -14.95
N ASP A 53 -5.24 1.98 -14.51
CA ASP A 53 -4.05 2.29 -15.32
C ASP A 53 -2.98 1.23 -15.16
N GLY A 54 -2.56 1.03 -13.93
CA GLY A 54 -1.47 0.11 -13.67
C GLY A 54 -0.34 0.78 -12.93
N THR A 55 -0.45 2.10 -12.77
CA THR A 55 0.54 2.92 -12.06
C THR A 55 0.82 2.34 -10.67
N LEU A 56 2.04 1.96 -10.42
CA LEU A 56 2.43 1.48 -9.13
C LEU A 56 3.22 2.59 -8.46
N LEU A 57 2.77 3.00 -7.31
CA LEU A 57 3.38 4.07 -6.57
C LEU A 57 4.15 3.49 -5.43
N VAL A 58 5.44 3.70 -5.42
CA VAL A 58 6.29 3.19 -4.37
C VAL A 58 7.17 4.32 -3.84
N GLY A 59 7.65 4.17 -2.63
CA GLY A 59 8.54 5.15 -2.09
C GLY A 59 7.82 6.43 -1.71
N GLU A 60 8.22 7.52 -2.32
CA GLU A 60 7.66 8.83 -2.00
C GLU A 60 6.46 9.11 -2.87
N ASP A 61 6.27 8.27 -3.83
CA ASP A 61 5.11 8.36 -4.70
C ASP A 61 3.94 7.71 -4.02
N ALA A 62 4.25 6.91 -3.05
CA ALA A 62 3.28 6.20 -2.30
C ALA A 62 2.98 7.00 -1.04
N PRO A 63 1.69 7.22 -0.73
CA PRO A 63 1.30 8.00 0.45
C PRO A 63 1.62 7.33 1.79
N ARG A 64 1.64 8.16 2.81
CA ARG A 64 1.84 7.74 4.17
C ARG A 64 0.66 6.87 4.58
N ARG A 65 0.90 5.77 5.29
CA ARG A 65 -0.19 4.89 5.72
C ARG A 65 -1.21 5.65 6.58
N ALA A 66 -0.75 6.61 7.34
CA ALA A 66 -1.61 7.44 8.17
C ALA A 66 -2.61 8.26 7.32
N GLU A 67 -2.24 8.59 6.09
CA GLU A 67 -3.14 9.34 5.22
C GLU A 67 -3.78 8.42 4.16
N LEU A 68 -3.25 7.23 4.05
CA LEU A 68 -3.53 6.32 2.95
C LEU A 68 -4.97 5.83 2.88
N GLU A 69 -5.55 5.50 4.01
CA GLU A 69 -6.85 4.85 4.03
C GLU A 69 -7.93 5.76 3.46
N MET A 70 -7.97 6.96 3.98
CA MET A 70 -8.91 7.98 3.51
C MET A 70 -8.58 8.37 2.07
N TRP A 71 -7.32 8.22 1.70
CA TRP A 71 -6.88 8.50 0.35
C TRP A 71 -7.42 7.42 -0.60
N LEU A 72 -7.27 6.14 -0.25
CA LEU A 72 -7.79 5.02 -1.04
C LEU A 72 -9.31 5.05 -1.10
N GLN A 73 -9.91 5.46 -0.01
CA GLN A 73 -11.35 5.56 0.13
C GLN A 73 -11.92 6.60 -0.84
N GLY A 74 -11.13 7.62 -1.11
CA GLY A 74 -11.55 8.68 -2.00
C GLY A 74 -11.04 8.50 -3.41
N HIS A 75 -10.36 7.39 -3.65
CA HIS A 75 -9.81 7.08 -4.96
C HIS A 75 -9.89 5.58 -5.19
N PRO A 76 -11.04 5.07 -5.64
CA PRO A 76 -11.27 3.63 -5.82
C PRO A 76 -10.44 3.04 -6.97
N GLU A 77 -9.81 3.90 -7.74
CA GLU A 77 -8.94 3.50 -8.83
C GLU A 77 -7.67 2.90 -8.27
N PHE A 78 -7.30 3.37 -7.11
CA PHE A 78 -6.10 2.95 -6.46
C PHE A 78 -6.43 1.99 -5.33
N ALA A 79 -5.62 0.98 -5.21
CA ALA A 79 -5.74 0.03 -4.14
C ALA A 79 -4.36 -0.29 -3.64
N VAL A 80 -4.28 -0.90 -2.48
CA VAL A 80 -3.01 -1.29 -1.90
C VAL A 80 -2.32 -2.34 -2.79
N ASP A 81 -1.00 -2.23 -2.91
CA ASP A 81 -0.18 -3.14 -3.71
C ASP A 81 -0.35 -4.59 -3.25
N PRO A 82 -0.85 -5.47 -4.15
CA PRO A 82 -1.09 -6.88 -3.85
C PRO A 82 0.21 -7.64 -3.65
N ARG A 83 1.28 -7.09 -4.16
CA ARG A 83 2.60 -7.66 -4.00
C ARG A 83 3.03 -7.48 -2.54
N PHE A 84 2.75 -6.30 -2.01
CA PHE A 84 2.99 -5.98 -0.60
C PHE A 84 2.09 -6.84 0.29
N LEU A 85 0.82 -6.97 -0.10
CA LEU A 85 -0.13 -7.81 0.65
C LEU A 85 0.36 -9.24 0.71
N ALA A 86 0.80 -9.75 -0.43
CA ALA A 86 1.33 -11.09 -0.50
C ALA A 86 2.59 -11.21 0.33
N TYR A 87 3.43 -10.18 0.30
CA TYR A 87 4.64 -10.15 1.07
C TYR A 87 4.34 -10.21 2.58
N MET A 88 3.28 -9.55 3.01
CA MET A 88 2.89 -9.58 4.42
C MET A 88 2.54 -11.00 4.85
N GLU A 89 1.77 -11.67 4.02
CA GLU A 89 1.33 -13.03 4.30
C GLU A 89 2.50 -14.02 4.20
N ASP A 90 3.20 -13.94 3.08
CA ASP A 90 4.28 -14.87 2.73
C ASP A 90 5.53 -14.66 3.56
N ARG A 91 5.97 -13.42 3.64
CA ARG A 91 7.21 -13.03 4.32
C ARG A 91 8.46 -13.62 3.67
N ARG A 92 9.02 -12.92 2.70
CA ARG A 92 10.32 -13.31 2.17
C ARG A 92 11.39 -12.79 3.10
N LYS A 93 11.71 -13.56 4.10
CA LYS A 93 12.74 -13.22 5.05
C LYS A 93 13.73 -14.37 5.14
N GLN A 94 14.79 -14.26 4.35
CA GLN A 94 15.86 -15.24 4.26
C GLN A 94 15.39 -16.58 3.68
N LYS A 95 15.52 -16.73 2.39
CA LYS A 95 15.22 -18.01 1.80
C LYS A 95 16.50 -18.83 1.83
N LEU A 38 11.25 -2.36 8.29
CA LEU A 38 10.49 -1.17 8.51
C LEU A 38 9.04 -1.52 8.68
N ASP A 39 8.63 -1.67 9.93
CA ASP A 39 7.23 -1.93 10.24
C ASP A 39 6.44 -0.74 9.83
N VAL A 40 5.24 -0.99 9.36
CA VAL A 40 4.41 0.04 8.84
C VAL A 40 4.14 1.14 9.88
N ASP A 41 3.63 0.73 11.04
CA ASP A 41 3.34 1.60 12.20
C ASP A 41 2.66 2.91 11.81
N LEU A 42 1.77 2.81 10.81
CA LEU A 42 0.94 3.92 10.29
C LEU A 42 1.72 4.99 9.48
N GLU A 43 2.99 5.18 9.76
CA GLU A 43 3.77 6.24 9.10
C GLU A 43 4.45 5.77 7.83
N THR A 44 4.56 4.48 7.66
CA THR A 44 5.12 3.89 6.46
C THR A 44 4.19 4.10 5.26
N ARG A 45 4.79 4.37 4.13
CA ARG A 45 4.07 4.63 2.91
C ARG A 45 3.76 3.33 2.19
N ILE A 46 2.49 2.97 2.17
CA ILE A 46 2.04 1.73 1.53
C ILE A 46 1.96 1.90 0.03
N PRO A 47 2.69 1.05 -0.73
CA PRO A 47 2.67 1.08 -2.19
C PRO A 47 1.27 0.72 -2.73
N VAL A 48 0.80 1.52 -3.63
CA VAL A 48 -0.51 1.35 -4.21
C VAL A 48 -0.42 1.34 -5.72
N ILE A 49 -1.34 0.68 -6.35
CA ILE A 49 -1.39 0.64 -7.78
C ILE A 49 -2.83 0.92 -8.21
N ASN A 50 -2.97 1.38 -9.42
CA ASN A 50 -4.24 1.55 -10.06
C ASN A 50 -5.09 0.29 -10.00
N LYS A 51 -6.36 0.51 -9.83
CA LYS A 51 -7.39 -0.52 -9.93
C LYS A 51 -7.55 -0.91 -11.40
N VAL A 52 -7.05 -0.05 -12.26
CA VAL A 52 -7.04 -0.27 -13.70
C VAL A 52 -5.80 -1.07 -14.02
N ASP A 53 -4.85 -1.00 -13.08
CA ASP A 53 -3.57 -1.66 -13.14
C ASP A 53 -2.66 -0.99 -14.07
N GLY A 54 -1.94 -0.08 -13.52
CA GLY A 54 -0.99 0.61 -14.30
C GLY A 54 -0.14 1.48 -13.46
N THR A 55 -0.73 2.51 -12.94
CA THR A 55 -0.03 3.46 -12.13
C THR A 55 0.30 2.89 -10.76
N LEU A 56 1.56 2.57 -10.56
CA LEU A 56 2.04 2.07 -9.30
C LEU A 56 2.80 3.18 -8.58
N LEU A 57 2.47 3.38 -7.35
CA LEU A 57 3.11 4.35 -6.53
C LEU A 57 3.85 3.63 -5.43
N VAL A 58 5.15 3.64 -5.50
CA VAL A 58 5.97 3.04 -4.48
C VAL A 58 6.84 4.10 -3.87
N GLY A 59 7.42 3.80 -2.74
CA GLY A 59 8.30 4.72 -2.11
C GLY A 59 7.54 5.88 -1.55
N GLU A 60 8.02 7.06 -1.82
CA GLU A 60 7.46 8.25 -1.24
C GLU A 60 6.41 8.86 -2.16
N ASP A 61 6.13 8.15 -3.22
CA ASP A 61 5.06 8.55 -4.12
C ASP A 61 3.76 8.05 -3.54
N ALA A 62 3.86 6.99 -2.80
CA ALA A 62 2.74 6.37 -2.15
C ALA A 62 2.49 7.09 -0.83
N PRO A 63 1.25 7.11 -0.32
CA PRO A 63 0.91 7.83 0.90
C PRO A 63 1.17 7.03 2.18
N ARG A 64 1.29 7.75 3.30
CA ARG A 64 1.48 7.14 4.61
C ARG A 64 0.27 6.34 4.96
N ARG A 65 0.47 5.21 5.57
CA ARG A 65 -0.60 4.28 5.95
C ARG A 65 -1.78 4.97 6.69
N ALA A 66 -1.47 5.95 7.52
CA ALA A 66 -2.48 6.69 8.26
C ALA A 66 -3.35 7.55 7.34
N GLU A 67 -2.73 8.20 6.36
CA GLU A 67 -3.48 9.06 5.44
C GLU A 67 -4.05 8.22 4.28
N LEU A 68 -3.39 7.09 4.04
CA LEU A 68 -3.67 6.14 2.95
C LEU A 68 -5.13 5.76 2.86
N GLU A 69 -5.74 5.53 4.00
CA GLU A 69 -7.14 5.12 4.06
C GLU A 69 -8.04 6.22 3.51
N MET A 70 -7.76 7.41 3.96
CA MET A 70 -8.51 8.60 3.56
C MET A 70 -8.22 8.92 2.10
N TRP A 71 -6.99 8.69 1.71
CA TRP A 71 -6.54 8.92 0.36
C TRP A 71 -7.25 7.96 -0.60
N LEU A 72 -7.37 6.70 -0.20
CA LEU A 72 -8.07 5.69 -0.99
C LEU A 72 -9.55 5.99 -1.11
N GLN A 73 -10.11 6.59 -0.07
CA GLN A 73 -11.48 7.06 -0.12
C GLN A 73 -11.62 8.12 -1.20
N GLY A 74 -10.68 9.05 -1.22
CA GLY A 74 -10.69 10.11 -2.20
C GLY A 74 -10.25 9.64 -3.59
N HIS A 75 -9.56 8.53 -3.65
CA HIS A 75 -9.06 7.98 -4.92
C HIS A 75 -9.29 6.48 -4.98
N PRO A 76 -10.51 6.06 -5.33
CA PRO A 76 -10.88 4.63 -5.40
C PRO A 76 -10.31 3.92 -6.63
N GLU A 77 -9.52 4.64 -7.40
CA GLU A 77 -8.88 4.10 -8.58
C GLU A 77 -7.52 3.51 -8.22
N PHE A 78 -7.24 3.44 -6.93
CA PHE A 78 -6.02 2.86 -6.42
C PHE A 78 -6.34 1.81 -5.37
N ALA A 79 -5.43 0.86 -5.23
CA ALA A 79 -5.52 -0.19 -4.26
C ALA A 79 -4.12 -0.59 -3.89
N VAL A 80 -3.99 -1.39 -2.85
CA VAL A 80 -2.69 -1.86 -2.35
C VAL A 80 -1.93 -2.69 -3.43
N ASP A 81 -0.62 -2.51 -3.47
CA ASP A 81 0.26 -3.27 -4.38
C ASP A 81 0.25 -4.77 -4.05
N PRO A 82 0.02 -5.62 -5.06
CA PRO A 82 -0.02 -7.09 -4.91
C PRO A 82 1.31 -7.67 -4.41
N ARG A 83 2.43 -7.05 -4.74
CA ARG A 83 3.73 -7.56 -4.32
C ARG A 83 3.88 -7.39 -2.82
N PHE A 84 3.48 -6.23 -2.34
CA PHE A 84 3.49 -5.91 -0.92
C PHE A 84 2.69 -6.93 -0.12
N LEU A 85 1.49 -7.22 -0.56
CA LEU A 85 0.66 -8.18 0.12
C LEU A 85 1.14 -9.62 -0.07
N ALA A 86 1.86 -9.86 -1.16
CA ALA A 86 2.42 -11.18 -1.45
C ALA A 86 3.44 -11.58 -0.41
N TYR A 87 4.16 -10.59 0.14
CA TYR A 87 5.13 -10.88 1.20
C TYR A 87 4.43 -11.29 2.48
N MET A 88 3.24 -10.73 2.70
CA MET A 88 2.42 -11.11 3.84
C MET A 88 1.81 -12.49 3.62
N GLU A 89 1.53 -12.81 2.37
CA GLU A 89 1.02 -14.11 1.96
C GLU A 89 2.14 -15.16 2.13
N ASP A 90 3.35 -14.76 1.84
CA ASP A 90 4.53 -15.60 2.02
C ASP A 90 4.83 -15.81 3.51
N ARG A 91 4.43 -14.85 4.31
CA ARG A 91 4.66 -14.89 5.76
C ARG A 91 3.48 -15.59 6.52
N ARG A 92 2.57 -16.21 5.78
CA ARG A 92 1.49 -16.97 6.38
C ARG A 92 1.54 -18.38 5.81
N LYS A 93 0.87 -19.35 6.47
CA LYS A 93 0.81 -20.75 5.99
C LYS A 93 2.24 -21.38 6.01
N GLN A 94 2.37 -22.60 5.61
CA GLN A 94 3.67 -23.18 5.46
C GLN A 94 4.07 -22.98 4.02
N LYS A 95 4.93 -22.03 3.78
CA LYS A 95 5.33 -21.75 2.42
C LYS A 95 6.64 -22.44 2.13
N LEU A 38 1.92 -5.75 8.45
CA LEU A 38 3.03 -6.36 9.17
C LEU A 38 3.63 -5.38 10.17
N ASP A 39 2.79 -4.43 10.58
CA ASP A 39 3.13 -3.33 11.50
C ASP A 39 4.10 -2.35 10.82
N VAL A 40 3.65 -1.15 10.58
CA VAL A 40 4.45 -0.18 9.84
C VAL A 40 4.65 1.14 10.59
N ASP A 41 4.10 1.21 11.80
CA ASP A 41 4.17 2.40 12.69
C ASP A 41 3.48 3.63 12.01
N LEU A 42 2.61 3.32 11.06
CA LEU A 42 1.76 4.27 10.30
C LEU A 42 2.50 5.20 9.31
N GLU A 43 3.78 5.48 9.51
CA GLU A 43 4.45 6.42 8.60
C GLU A 43 4.94 5.77 7.30
N THR A 44 5.01 4.45 7.26
CA THR A 44 5.39 3.75 6.04
C THR A 44 4.33 3.96 4.97
N ARG A 45 4.76 4.23 3.77
CA ARG A 45 3.86 4.49 2.66
C ARG A 45 3.50 3.17 2.02
N ILE A 46 2.24 2.87 1.96
CA ILE A 46 1.77 1.63 1.39
C ILE A 46 1.74 1.74 -0.13
N PRO A 47 2.42 0.82 -0.83
CA PRO A 47 2.41 0.77 -2.28
C PRO A 47 0.99 0.55 -2.83
N VAL A 48 0.51 1.52 -3.53
CA VAL A 48 -0.79 1.47 -4.13
C VAL A 48 -0.66 1.42 -5.63
N ILE A 49 -1.49 0.66 -6.26
CA ILE A 49 -1.40 0.52 -7.68
C ILE A 49 -2.73 0.83 -8.35
N ASN A 50 -2.65 1.54 -9.44
CA ASN A 50 -3.77 1.86 -10.27
C ASN A 50 -4.21 0.60 -10.97
N LYS A 51 -5.38 0.13 -10.64
CA LYS A 51 -5.88 -1.13 -11.18
C LYS A 51 -6.32 -1.03 -12.64
N VAL A 52 -6.50 0.18 -13.10
CA VAL A 52 -6.89 0.42 -14.47
C VAL A 52 -5.63 0.44 -15.35
N ASP A 53 -4.70 1.30 -15.00
CA ASP A 53 -3.46 1.46 -15.77
C ASP A 53 -2.40 0.48 -15.35
N GLY A 54 -2.02 0.53 -14.10
CA GLY A 54 -0.91 -0.26 -13.62
C GLY A 54 0.11 0.60 -12.90
N THR A 55 -0.15 1.91 -12.85
CA THR A 55 0.70 2.86 -12.14
C THR A 55 0.83 2.48 -10.65
N LEU A 56 2.01 2.06 -10.26
CA LEU A 56 2.30 1.72 -8.88
C LEU A 56 3.03 2.87 -8.21
N LEU A 57 2.54 3.29 -7.07
CA LEU A 57 3.16 4.35 -6.33
C LEU A 57 3.94 3.74 -5.18
N VAL A 58 5.19 4.13 -5.06
CA VAL A 58 6.07 3.59 -4.03
C VAL A 58 6.89 4.72 -3.43
N GLY A 59 7.44 4.48 -2.26
CA GLY A 59 8.28 5.46 -1.61
C GLY A 59 7.51 6.69 -1.21
N GLU A 60 7.98 7.83 -1.64
CA GLU A 60 7.37 9.10 -1.30
C GLU A 60 6.27 9.45 -2.26
N ASP A 61 6.09 8.61 -3.24
CA ASP A 61 5.07 8.79 -4.23
C ASP A 61 3.82 8.06 -3.77
N ALA A 62 3.98 7.26 -2.76
CA ALA A 62 2.89 6.57 -2.16
C ALA A 62 2.53 7.32 -0.88
N PRO A 63 1.27 7.26 -0.42
CA PRO A 63 0.87 7.94 0.80
C PRO A 63 1.21 7.11 2.04
N ARG A 64 1.63 7.80 3.11
CA ARG A 64 1.92 7.18 4.41
C ARG A 64 0.69 6.48 4.88
N ARG A 65 0.82 5.33 5.49
CA ARG A 65 -0.32 4.55 5.97
C ARG A 65 -1.28 5.40 6.85
N ALA A 66 -0.71 6.34 7.60
CA ALA A 66 -1.46 7.25 8.44
C ALA A 66 -2.41 8.15 7.61
N GLU A 67 -1.95 8.62 6.46
CA GLU A 67 -2.78 9.51 5.59
C GLU A 67 -3.49 8.70 4.48
N LEU A 68 -2.93 7.52 4.21
CA LEU A 68 -3.36 6.58 3.17
C LEU A 68 -4.83 6.21 3.29
N GLU A 69 -5.32 6.13 4.52
CA GLU A 69 -6.69 5.73 4.77
C GLU A 69 -7.65 6.69 4.07
N MET A 70 -7.43 7.98 4.29
CA MET A 70 -8.23 9.04 3.67
C MET A 70 -8.28 8.91 2.17
N TRP A 71 -7.13 8.68 1.59
CA TRP A 71 -7.00 8.59 0.15
C TRP A 71 -7.74 7.34 -0.38
N LEU A 72 -7.56 6.23 0.31
CA LEU A 72 -8.26 5.00 -0.04
C LEU A 72 -9.76 5.06 0.18
N GLN A 73 -10.21 5.83 1.18
CA GLN A 73 -11.64 6.02 1.40
C GLN A 73 -12.30 6.52 0.12
N GLY A 74 -11.62 7.39 -0.58
CA GLY A 74 -12.14 7.87 -1.83
C GLY A 74 -11.90 6.89 -2.95
N HIS A 75 -10.77 6.18 -2.86
CA HIS A 75 -10.28 5.20 -3.87
C HIS A 75 -10.54 5.62 -5.33
N PRO A 76 -9.61 6.42 -5.90
CA PRO A 76 -9.76 6.91 -7.27
C PRO A 76 -9.81 5.77 -8.28
N GLU A 77 -8.74 5.02 -8.34
CA GLU A 77 -8.59 3.89 -9.25
C GLU A 77 -7.41 3.06 -8.78
N PHE A 78 -7.13 3.19 -7.51
CA PHE A 78 -6.00 2.54 -6.90
C PHE A 78 -6.44 1.59 -5.81
N ALA A 79 -5.66 0.57 -5.61
CA ALA A 79 -5.87 -0.40 -4.56
C ALA A 79 -4.49 -0.76 -4.01
N VAL A 80 -4.45 -1.51 -2.92
CA VAL A 80 -3.18 -1.89 -2.33
C VAL A 80 -2.48 -2.94 -3.21
N ASP A 81 -1.18 -2.77 -3.38
CA ASP A 81 -0.34 -3.68 -4.16
C ASP A 81 -0.44 -5.13 -3.67
N PRO A 82 -0.91 -6.05 -4.55
CA PRO A 82 -1.09 -7.47 -4.21
C PRO A 82 0.20 -8.13 -3.75
N ARG A 83 1.31 -7.67 -4.25
CA ARG A 83 2.61 -8.19 -3.89
C ARG A 83 2.92 -7.88 -2.42
N PHE A 84 2.65 -6.64 -2.03
CA PHE A 84 2.84 -6.20 -0.65
C PHE A 84 1.92 -6.97 0.31
N LEU A 85 0.65 -7.06 -0.04
CA LEU A 85 -0.30 -7.76 0.79
C LEU A 85 -0.08 -9.27 0.84
N ALA A 86 0.56 -9.82 -0.18
CA ALA A 86 0.95 -11.22 -0.16
C ALA A 86 2.13 -11.41 0.80
N TYR A 87 3.01 -10.41 0.83
CA TYR A 87 4.22 -10.46 1.63
C TYR A 87 3.93 -10.58 3.13
N MET A 88 2.87 -9.93 3.61
CA MET A 88 2.52 -9.97 5.04
C MET A 88 2.32 -11.41 5.54
N GLU A 89 1.56 -12.20 4.79
CA GLU A 89 1.31 -13.58 5.16
C GLU A 89 2.48 -14.48 4.79
N ASP A 90 3.21 -14.12 3.76
CA ASP A 90 4.42 -14.87 3.33
C ASP A 90 5.54 -14.70 4.36
N ARG A 91 5.54 -13.58 5.06
CA ARG A 91 6.47 -13.32 6.14
C ARG A 91 6.07 -14.24 7.29
N ARG A 92 6.78 -15.33 7.39
CA ARG A 92 6.42 -16.41 8.26
C ARG A 92 7.70 -17.10 8.68
N LYS A 93 7.66 -17.93 9.71
CA LYS A 93 8.84 -18.67 10.13
C LYS A 93 9.27 -19.65 9.06
N GLN A 94 10.53 -19.62 8.72
CA GLN A 94 11.09 -20.41 7.65
C GLN A 94 11.49 -21.79 8.21
N LYS A 95 11.87 -22.70 7.33
CA LYS A 95 12.25 -24.06 7.76
C LYS A 95 13.72 -24.10 8.21
N LEU A 38 8.51 -2.18 6.83
CA LEU A 38 7.54 -2.64 5.87
C LEU A 38 6.31 -3.18 6.60
N ASP A 39 6.50 -3.54 7.85
CA ASP A 39 5.37 -3.83 8.72
C ASP A 39 4.88 -2.50 9.23
N VAL A 40 3.90 -2.02 8.57
CA VAL A 40 3.43 -0.68 8.72
C VAL A 40 2.41 -0.52 9.81
N ASP A 41 2.72 0.35 10.74
CA ASP A 41 1.73 0.76 11.71
C ASP A 41 0.82 1.70 11.02
N LEU A 42 1.45 2.69 10.41
CA LEU A 42 0.76 3.78 9.74
C LEU A 42 1.70 4.85 9.14
N GLU A 43 2.97 4.86 9.53
CA GLU A 43 3.86 5.93 9.04
C GLU A 43 4.51 5.57 7.72
N THR A 44 4.49 4.32 7.40
CA THR A 44 5.11 3.85 6.21
C THR A 44 4.22 4.11 4.99
N ARG A 45 4.84 4.30 3.86
CA ARG A 45 4.16 4.58 2.63
C ARG A 45 3.74 3.28 1.99
N ILE A 46 2.45 3.11 1.84
CA ILE A 46 1.88 1.91 1.28
C ILE A 46 1.91 1.98 -0.23
N PRO A 47 2.56 1.01 -0.86
CA PRO A 47 2.56 0.93 -2.29
C PRO A 47 1.17 0.61 -2.81
N VAL A 48 0.67 1.45 -3.66
CA VAL A 48 -0.64 1.27 -4.21
C VAL A 48 -0.59 1.23 -5.71
N ILE A 49 -1.49 0.49 -6.28
CA ILE A 49 -1.54 0.35 -7.71
C ILE A 49 -2.83 0.92 -8.25
N ASN A 50 -2.73 1.66 -9.31
CA ASN A 50 -3.91 2.15 -9.98
C ASN A 50 -4.45 0.99 -10.76
N LYS A 51 -5.67 0.63 -10.50
CA LYS A 51 -6.30 -0.56 -11.10
C LYS A 51 -6.38 -0.41 -12.61
N VAL A 52 -6.70 0.78 -13.04
CA VAL A 52 -6.96 1.08 -14.42
C VAL A 52 -5.70 1.06 -15.27
N ASP A 53 -4.73 1.86 -14.90
CA ASP A 53 -3.52 2.01 -15.68
C ASP A 53 -2.46 0.98 -15.32
N GLY A 54 -2.29 0.75 -14.04
CA GLY A 54 -1.25 -0.12 -13.58
C GLY A 54 -0.15 0.64 -12.89
N THR A 55 -0.35 1.96 -12.76
CA THR A 55 0.57 2.85 -12.10
C THR A 55 0.81 2.37 -10.66
N LEU A 56 2.03 2.01 -10.34
CA LEU A 56 2.36 1.54 -9.02
C LEU A 56 3.15 2.61 -8.30
N LEU A 57 2.63 3.03 -7.19
CA LEU A 57 3.24 4.08 -6.41
C LEU A 57 4.03 3.46 -5.30
N VAL A 58 5.33 3.67 -5.31
CA VAL A 58 6.21 3.13 -4.28
C VAL A 58 7.11 4.24 -3.74
N GLY A 59 7.71 3.99 -2.58
CA GLY A 59 8.70 4.88 -2.00
C GLY A 59 8.17 6.27 -1.67
N GLU A 60 8.48 7.22 -2.52
CA GLU A 60 8.10 8.60 -2.29
C GLU A 60 6.82 8.98 -2.98
N ASP A 61 6.40 8.15 -3.89
CA ASP A 61 5.17 8.40 -4.62
C ASP A 61 4.00 7.71 -3.98
N ALA A 62 4.30 6.87 -3.03
CA ALA A 62 3.31 6.16 -2.30
C ALA A 62 2.91 6.97 -1.08
N PRO A 63 1.65 6.98 -0.66
CA PRO A 63 1.19 7.74 0.49
C PRO A 63 1.44 7.03 1.83
N ARG A 64 1.67 7.83 2.87
CA ARG A 64 1.85 7.37 4.22
C ARG A 64 0.53 6.74 4.66
N ARG A 65 0.59 5.54 5.21
CA ARG A 65 -0.60 4.78 5.58
C ARG A 65 -1.64 5.57 6.40
N ALA A 66 -1.17 6.42 7.29
CA ALA A 66 -2.04 7.27 8.15
C ALA A 66 -2.94 8.19 7.31
N GLU A 67 -2.49 8.51 6.10
CA GLU A 67 -3.21 9.37 5.18
C GLU A 67 -3.92 8.49 4.15
N LEU A 68 -3.20 7.44 3.78
CA LEU A 68 -3.55 6.45 2.76
C LEU A 68 -4.97 5.89 2.94
N GLU A 69 -5.35 5.52 4.16
CA GLU A 69 -6.68 4.93 4.36
C GLU A 69 -7.79 5.91 3.96
N MET A 70 -7.63 7.16 4.36
CA MET A 70 -8.61 8.20 4.07
C MET A 70 -8.58 8.53 2.59
N TRP A 71 -7.39 8.49 2.03
CA TRP A 71 -7.15 8.73 0.62
C TRP A 71 -7.84 7.64 -0.23
N LEU A 72 -7.80 6.40 0.24
CA LEU A 72 -8.47 5.30 -0.43
C LEU A 72 -9.97 5.43 -0.36
N GLN A 73 -10.48 5.99 0.73
CA GLN A 73 -11.92 6.14 0.93
C GLN A 73 -12.57 7.04 -0.11
N GLY A 74 -11.81 7.96 -0.65
CA GLY A 74 -12.30 8.83 -1.72
C GLY A 74 -12.34 8.13 -3.07
N HIS A 75 -11.76 6.92 -3.10
CA HIS A 75 -11.66 6.06 -4.27
C HIS A 75 -10.93 6.72 -5.44
N PRO A 76 -9.59 6.68 -5.43
CA PRO A 76 -8.79 7.17 -6.54
C PRO A 76 -8.49 6.04 -7.54
N GLU A 77 -9.11 4.87 -7.29
CA GLU A 77 -8.97 3.66 -8.09
C GLU A 77 -7.62 3.03 -7.91
N PHE A 78 -7.16 3.13 -6.72
CA PHE A 78 -5.94 2.52 -6.31
C PHE A 78 -6.23 1.43 -5.32
N ALA A 79 -5.52 0.35 -5.44
CA ALA A 79 -5.65 -0.78 -4.58
C ALA A 79 -4.31 -1.03 -3.91
N VAL A 80 -4.30 -1.77 -2.84
CA VAL A 80 -3.08 -2.05 -2.11
C VAL A 80 -2.24 -3.07 -2.89
N ASP A 81 -0.96 -2.77 -3.03
CA ASP A 81 0.00 -3.63 -3.75
C ASP A 81 -0.04 -5.08 -3.26
N PRO A 82 -0.33 -6.02 -4.18
CA PRO A 82 -0.43 -7.43 -3.87
C PRO A 82 0.91 -7.99 -3.38
N ARG A 83 2.00 -7.42 -3.86
CA ARG A 83 3.34 -7.82 -3.45
C ARG A 83 3.51 -7.53 -1.96
N PHE A 84 3.19 -6.30 -1.58
CA PHE A 84 3.26 -5.83 -0.21
C PHE A 84 2.50 -6.75 0.73
N LEU A 85 1.24 -7.01 0.39
CA LEU A 85 0.43 -7.85 1.23
C LEU A 85 0.87 -9.30 1.25
N ALA A 86 1.46 -9.78 0.17
CA ALA A 86 1.98 -11.15 0.11
C ALA A 86 3.26 -11.28 0.92
N TYR A 87 4.07 -10.23 0.89
CA TYR A 87 5.30 -10.19 1.65
C TYR A 87 5.00 -10.12 3.13
N MET A 88 4.09 -9.23 3.50
CA MET A 88 3.68 -9.05 4.90
C MET A 88 3.09 -10.35 5.44
N GLU A 89 2.51 -11.11 4.55
CA GLU A 89 1.91 -12.38 4.84
C GLU A 89 2.94 -13.46 5.17
N ASP A 90 4.14 -13.34 4.58
CA ASP A 90 5.20 -14.36 4.75
C ASP A 90 5.53 -14.60 6.21
N ARG A 91 5.72 -13.53 6.95
CA ARG A 91 6.03 -13.65 8.34
C ARG A 91 4.77 -14.01 9.10
N ARG A 92 4.89 -15.00 9.97
CA ARG A 92 3.75 -15.52 10.71
C ARG A 92 2.98 -14.44 11.46
N LYS A 93 1.73 -14.27 11.07
CA LYS A 93 0.81 -13.37 11.74
C LYS A 93 0.51 -14.01 13.06
N GLN A 94 0.15 -15.26 12.98
CA GLN A 94 -0.04 -16.06 14.14
C GLN A 94 1.32 -16.53 14.55
N LYS A 95 1.96 -15.74 15.37
CA LYS A 95 3.24 -16.08 15.90
C LYS A 95 3.05 -17.23 16.89
N LEU A 38 -3.18 -2.33 14.57
CA LEU A 38 -2.80 -2.36 13.15
C LEU A 38 -1.27 -2.40 12.97
N ASP A 39 -0.79 -3.53 12.46
CA ASP A 39 0.65 -3.85 12.28
C ASP A 39 1.39 -2.84 11.40
N VAL A 40 0.68 -2.30 10.40
CA VAL A 40 1.25 -1.29 9.49
C VAL A 40 1.58 0.02 10.29
N ASP A 41 0.97 0.12 11.48
CA ASP A 41 1.18 1.20 12.49
C ASP A 41 0.79 2.58 11.96
N LEU A 42 0.23 2.57 10.76
CA LEU A 42 -0.26 3.75 10.03
C LEU A 42 0.88 4.63 9.47
N GLU A 43 2.11 4.43 9.93
CA GLU A 43 3.20 5.25 9.46
C GLU A 43 3.88 4.64 8.23
N THR A 44 3.61 3.38 8.02
CA THR A 44 4.15 2.64 6.91
C THR A 44 3.50 3.08 5.58
N ARG A 45 4.33 3.33 4.57
CA ARG A 45 3.86 3.75 3.27
C ARG A 45 3.37 2.58 2.47
N ILE A 46 2.08 2.56 2.23
CA ILE A 46 1.45 1.52 1.45
C ILE A 46 1.59 1.82 -0.03
N PRO A 47 2.29 0.97 -0.78
CA PRO A 47 2.38 1.11 -2.22
C PRO A 47 1.05 0.72 -2.84
N VAL A 48 0.50 1.61 -3.60
CA VAL A 48 -0.78 1.39 -4.20
C VAL A 48 -0.67 1.31 -5.70
N ILE A 49 -1.50 0.47 -6.27
CA ILE A 49 -1.54 0.28 -7.69
C ILE A 49 -2.95 0.54 -8.17
N ASN A 50 -3.09 1.37 -9.15
CA ASN A 50 -4.39 1.66 -9.73
C ASN A 50 -4.87 0.42 -10.44
N LYS A 51 -6.06 0.00 -10.12
CA LYS A 51 -6.64 -1.21 -10.68
C LYS A 51 -6.86 -1.10 -12.18
N VAL A 52 -7.24 0.06 -12.62
CA VAL A 52 -7.58 0.29 -14.02
C VAL A 52 -6.33 0.62 -14.85
N ASP A 53 -5.64 1.67 -14.48
CA ASP A 53 -4.47 2.16 -15.22
C ASP A 53 -3.26 1.30 -14.97
N GLY A 54 -3.00 1.03 -13.72
CA GLY A 54 -1.82 0.30 -13.35
C GLY A 54 -0.79 1.20 -12.71
N THR A 55 -1.21 2.42 -12.39
CA THR A 55 -0.37 3.41 -11.74
C THR A 55 0.12 2.86 -10.40
N LEU A 56 1.39 2.58 -10.30
CA LEU A 56 1.93 2.06 -9.07
C LEU A 56 2.76 3.12 -8.36
N LEU A 57 2.37 3.40 -7.15
CA LEU A 57 3.02 4.39 -6.34
C LEU A 57 3.80 3.69 -5.26
N VAL A 58 5.09 3.83 -5.29
CA VAL A 58 5.96 3.21 -4.32
C VAL A 58 6.82 4.26 -3.66
N GLY A 59 7.25 3.98 -2.43
CA GLY A 59 8.19 4.83 -1.72
C GLY A 59 7.76 6.27 -1.59
N GLU A 60 8.47 7.14 -2.28
CA GLU A 60 8.29 8.59 -2.21
C GLU A 60 6.90 9.02 -2.58
N ASP A 61 6.37 8.39 -3.57
CA ASP A 61 5.07 8.73 -4.10
C ASP A 61 3.96 7.93 -3.46
N ALA A 62 4.30 7.08 -2.53
CA ALA A 62 3.30 6.32 -1.84
C ALA A 62 3.10 6.94 -0.48
N PRO A 63 1.88 7.35 -0.15
CA PRO A 63 1.61 7.97 1.14
C PRO A 63 1.64 6.96 2.29
N ARG A 64 1.93 7.46 3.48
CA ARG A 64 1.89 6.66 4.66
C ARG A 64 0.46 6.24 4.88
N ARG A 65 0.24 5.07 5.42
CA ARG A 65 -1.10 4.51 5.60
C ARG A 65 -2.09 5.50 6.27
N ALA A 66 -1.60 6.30 7.21
CA ALA A 66 -2.42 7.32 7.87
C ALA A 66 -2.95 8.34 6.85
N GLU A 67 -2.11 8.73 5.89
CA GLU A 67 -2.55 9.69 4.87
C GLU A 67 -3.24 8.95 3.71
N LEU A 68 -2.76 7.76 3.45
CA LEU A 68 -3.21 6.89 2.37
C LEU A 68 -4.70 6.54 2.51
N GLU A 69 -5.17 6.41 3.75
CA GLU A 69 -6.59 6.12 4.03
C GLU A 69 -7.50 7.20 3.41
N MET A 70 -7.20 8.44 3.76
CA MET A 70 -7.97 9.59 3.28
C MET A 70 -7.78 9.78 1.78
N TRP A 71 -6.64 9.34 1.29
CA TRP A 71 -6.33 9.43 -0.12
C TRP A 71 -7.19 8.41 -0.92
N LEU A 72 -7.23 7.17 -0.43
CA LEU A 72 -8.07 6.11 -1.04
C LEU A 72 -9.53 6.48 -0.99
N GLN A 73 -9.90 7.21 0.03
CA GLN A 73 -11.25 7.71 0.17
C GLN A 73 -11.67 8.52 -1.07
N GLY A 74 -10.73 9.25 -1.64
CA GLY A 74 -11.02 10.04 -2.82
C GLY A 74 -10.89 9.23 -4.09
N HIS A 75 -10.11 8.17 -4.04
CA HIS A 75 -9.86 7.31 -5.19
C HIS A 75 -9.77 5.85 -4.79
N PRO A 76 -10.92 5.15 -4.71
CA PRO A 76 -10.98 3.73 -4.33
C PRO A 76 -10.60 2.80 -5.50
N GLU A 77 -10.06 3.40 -6.53
CA GLU A 77 -9.65 2.72 -7.74
C GLU A 77 -8.22 2.18 -7.59
N PHE A 78 -7.63 2.45 -6.46
CA PHE A 78 -6.31 1.98 -6.17
C PHE A 78 -6.37 0.82 -5.20
N ALA A 79 -5.59 -0.18 -5.49
CA ALA A 79 -5.49 -1.36 -4.68
C ALA A 79 -4.11 -1.39 -4.07
N VAL A 80 -3.88 -2.31 -3.19
CA VAL A 80 -2.58 -2.43 -2.54
C VAL A 80 -1.66 -3.29 -3.40
N ASP A 81 -0.38 -2.91 -3.48
CA ASP A 81 0.60 -3.64 -4.26
C ASP A 81 0.76 -5.08 -3.76
N PRO A 82 0.56 -6.08 -4.65
CA PRO A 82 0.67 -7.50 -4.30
C PRO A 82 2.07 -7.94 -3.88
N ARG A 83 3.08 -7.22 -4.30
CA ARG A 83 4.44 -7.59 -3.94
C ARG A 83 4.72 -7.12 -2.52
N PHE A 84 4.11 -6.01 -2.14
CA PHE A 84 4.15 -5.54 -0.76
C PHE A 84 3.42 -6.54 0.13
N LEU A 85 2.35 -7.11 -0.41
CA LEU A 85 1.62 -8.14 0.29
C LEU A 85 2.50 -9.37 0.47
N ALA A 86 3.23 -9.73 -0.58
CA ALA A 86 4.15 -10.88 -0.57
C ALA A 86 5.28 -10.69 0.44
N TYR A 87 5.53 -9.44 0.79
CA TYR A 87 6.51 -9.10 1.79
C TYR A 87 6.01 -9.55 3.16
N MET A 88 4.70 -9.53 3.34
CA MET A 88 4.09 -9.89 4.62
C MET A 88 4.20 -11.38 4.94
N GLU A 89 4.31 -12.22 3.92
CA GLU A 89 4.52 -13.67 4.13
C GLU A 89 5.88 -13.90 4.76
N ASP A 90 6.86 -13.30 4.13
CA ASP A 90 8.25 -13.32 4.57
C ASP A 90 8.33 -12.62 5.93
N ARG A 91 7.73 -11.44 5.96
CA ARG A 91 7.53 -10.58 7.11
C ARG A 91 8.83 -10.07 7.72
N ARG A 92 9.59 -10.93 8.33
CA ARG A 92 10.85 -10.55 8.90
C ARG A 92 11.94 -11.53 8.54
N LYS A 93 12.52 -11.29 7.40
CA LYS A 93 13.65 -12.03 6.92
C LYS A 93 14.33 -11.15 5.90
N GLN A 94 13.50 -10.65 4.96
CA GLN A 94 13.88 -9.65 3.96
C GLN A 94 14.87 -10.17 2.91
N LYS A 95 14.38 -10.33 1.70
CA LYS A 95 15.20 -10.76 0.60
C LYS A 95 15.56 -9.53 -0.25
N LEU A 38 -4.10 -3.97 9.41
CA LEU A 38 -3.33 -2.78 9.65
C LEU A 38 -2.16 -3.14 10.53
N ASP A 39 -1.21 -3.80 9.90
CA ASP A 39 0.04 -4.20 10.54
C ASP A 39 0.76 -2.99 11.00
N VAL A 40 0.78 -2.04 10.13
CA VAL A 40 1.34 -0.77 10.36
C VAL A 40 0.20 0.22 10.38
N ASP A 41 0.14 0.97 11.42
CA ASP A 41 -0.93 1.92 11.60
C ASP A 41 -0.74 3.11 10.75
N LEU A 42 0.50 3.48 10.55
CA LEU A 42 0.81 4.71 9.84
C LEU A 42 2.29 4.95 9.46
N GLU A 43 3.22 4.28 10.11
CA GLU A 43 4.66 4.56 9.91
C GLU A 43 5.31 4.08 8.58
N THR A 44 4.54 3.64 7.63
CA THR A 44 5.14 3.25 6.36
C THR A 44 4.32 3.84 5.22
N ARG A 45 4.86 3.76 4.05
CA ARG A 45 4.16 4.15 2.86
C ARG A 45 3.52 2.90 2.34
N ILE A 46 2.26 2.97 2.01
CA ILE A 46 1.60 1.82 1.43
C ILE A 46 1.69 1.92 -0.08
N PRO A 47 2.43 1.01 -0.73
CA PRO A 47 2.55 1.02 -2.17
C PRO A 47 1.24 0.59 -2.80
N VAL A 48 0.70 1.46 -3.59
CA VAL A 48 -0.57 1.24 -4.21
C VAL A 48 -0.41 1.20 -5.70
N ILE A 49 -1.32 0.53 -6.35
CA ILE A 49 -1.33 0.42 -7.77
C ILE A 49 -2.70 0.81 -8.29
N ASN A 50 -2.73 1.66 -9.27
CA ASN A 50 -3.98 2.11 -9.87
C ASN A 50 -4.60 0.95 -10.62
N LYS A 51 -5.84 0.68 -10.36
CA LYS A 51 -6.54 -0.44 -10.94
C LYS A 51 -6.80 -0.30 -12.43
N VAL A 52 -6.87 0.92 -12.92
CA VAL A 52 -7.21 1.14 -14.30
C VAL A 52 -5.95 1.21 -15.18
N ASP A 53 -4.98 1.98 -14.76
CA ASP A 53 -3.76 2.16 -15.55
C ASP A 53 -2.69 1.17 -15.16
N GLY A 54 -2.65 0.80 -13.91
CA GLY A 54 -1.60 -0.08 -13.45
C GLY A 54 -0.46 0.72 -12.87
N THR A 55 -0.75 1.98 -12.62
CA THR A 55 0.20 2.91 -12.06
C THR A 55 0.60 2.50 -10.65
N LEU A 56 1.80 2.02 -10.50
CA LEU A 56 2.30 1.63 -9.20
C LEU A 56 3.01 2.81 -8.56
N LEU A 57 2.80 2.96 -7.28
CA LEU A 57 3.38 4.00 -6.49
C LEU A 57 4.09 3.38 -5.31
N VAL A 58 5.40 3.34 -5.37
CA VAL A 58 6.23 2.95 -4.23
C VAL A 58 7.03 4.14 -3.73
N GLY A 59 7.65 3.98 -2.58
CA GLY A 59 8.47 5.03 -2.00
C GLY A 59 7.66 6.25 -1.66
N GLU A 60 8.16 7.41 -2.05
CA GLU A 60 7.49 8.65 -1.73
C GLU A 60 6.40 8.97 -2.72
N ASP A 61 6.26 8.15 -3.72
CA ASP A 61 5.16 8.27 -4.68
C ASP A 61 3.91 7.69 -4.06
N ALA A 62 4.13 6.81 -3.12
CA ALA A 62 3.08 6.15 -2.42
C ALA A 62 2.65 7.02 -1.24
N PRO A 63 1.36 7.01 -0.92
CA PRO A 63 0.83 7.77 0.19
C PRO A 63 1.21 7.13 1.53
N ARG A 64 1.17 7.92 2.58
CA ARG A 64 1.50 7.44 3.89
C ARG A 64 0.36 6.61 4.37
N ARG A 65 0.66 5.59 5.13
CA ARG A 65 -0.38 4.76 5.70
C ARG A 65 -1.33 5.59 6.59
N ALA A 66 -0.79 6.63 7.23
CA ALA A 66 -1.57 7.57 8.05
C ALA A 66 -2.77 8.14 7.29
N GLU A 67 -2.59 8.40 6.01
CA GLU A 67 -3.61 9.02 5.21
C GLU A 67 -4.10 8.11 4.08
N LEU A 68 -3.69 6.85 4.12
CA LEU A 68 -3.96 5.89 3.05
C LEU A 68 -5.46 5.71 2.79
N GLU A 69 -6.19 5.33 3.83
CA GLU A 69 -7.61 5.08 3.67
C GLU A 69 -8.39 6.36 3.41
N MET A 70 -7.90 7.45 3.95
CA MET A 70 -8.52 8.77 3.74
C MET A 70 -8.36 9.19 2.28
N TRP A 71 -7.23 8.83 1.72
CA TRP A 71 -6.91 9.09 0.33
C TRP A 71 -7.79 8.19 -0.56
N LEU A 72 -7.87 6.91 -0.22
CA LEU A 72 -8.72 5.94 -0.93
C LEU A 72 -10.19 6.30 -0.84
N GLN A 73 -10.57 6.90 0.27
CA GLN A 73 -11.92 7.37 0.52
C GLN A 73 -12.34 8.41 -0.55
N GLY A 74 -11.37 9.12 -1.06
CA GLY A 74 -11.64 10.09 -2.09
C GLY A 74 -11.31 9.58 -3.48
N HIS A 75 -10.54 8.52 -3.54
CA HIS A 75 -10.10 7.96 -4.81
C HIS A 75 -9.88 6.46 -4.63
N PRO A 76 -10.93 5.66 -4.81
CA PRO A 76 -10.90 4.20 -4.58
C PRO A 76 -10.37 3.40 -5.78
N GLU A 77 -9.74 4.08 -6.70
CA GLU A 77 -9.24 3.45 -7.94
C GLU A 77 -7.86 2.83 -7.76
N PHE A 78 -7.36 2.82 -6.54
CA PHE A 78 -6.08 2.24 -6.25
C PHE A 78 -6.22 1.01 -5.39
N ALA A 79 -5.40 0.04 -5.65
CA ALA A 79 -5.35 -1.19 -4.90
C ALA A 79 -3.98 -1.28 -4.26
N VAL A 80 -3.82 -2.19 -3.34
CA VAL A 80 -2.53 -2.36 -2.66
C VAL A 80 -1.60 -3.23 -3.49
N ASP A 81 -0.31 -2.92 -3.49
CA ASP A 81 0.70 -3.70 -4.20
C ASP A 81 0.74 -5.13 -3.68
N PRO A 82 0.68 -6.11 -4.61
CA PRO A 82 0.68 -7.54 -4.26
C PRO A 82 1.90 -7.98 -3.44
N ARG A 83 3.04 -7.32 -3.61
CA ARG A 83 4.21 -7.70 -2.84
C ARG A 83 4.17 -7.12 -1.45
N PHE A 84 3.38 -6.07 -1.25
CA PHE A 84 3.21 -5.56 0.09
C PHE A 84 2.35 -6.55 0.88
N LEU A 85 1.46 -7.22 0.16
CA LEU A 85 0.65 -8.29 0.73
C LEU A 85 1.57 -9.45 1.13
N ALA A 86 2.60 -9.67 0.32
CA ALA A 86 3.60 -10.69 0.61
C ALA A 86 4.41 -10.30 1.85
N TYR A 87 4.71 -9.00 1.97
CA TYR A 87 5.40 -8.46 3.15
C TYR A 87 4.59 -8.65 4.42
N MET A 88 3.28 -8.61 4.26
CA MET A 88 2.35 -8.83 5.34
C MET A 88 2.42 -10.30 5.81
N GLU A 89 2.60 -11.21 4.86
CA GLU A 89 2.73 -12.64 5.15
C GLU A 89 4.07 -12.91 5.78
N ASP A 90 5.09 -12.43 5.10
CA ASP A 90 6.48 -12.64 5.47
C ASP A 90 6.80 -12.05 6.81
N ARG A 91 6.13 -10.96 7.15
CA ARG A 91 6.34 -10.23 8.41
C ARG A 91 7.70 -9.52 8.36
N ARG A 92 8.76 -10.31 8.48
CA ARG A 92 10.12 -9.81 8.45
C ARG A 92 11.06 -11.02 8.39
N LYS A 93 10.53 -12.15 7.92
CA LYS A 93 11.26 -13.41 7.96
C LYS A 93 12.32 -13.55 6.89
N GLN A 94 11.93 -13.68 5.64
CA GLN A 94 12.88 -13.99 4.63
C GLN A 94 12.51 -13.38 3.28
N LYS A 95 13.37 -12.52 2.79
CA LYS A 95 13.15 -11.80 1.53
C LYS A 95 13.74 -12.60 0.37
N LEU A 38 2.93 -4.24 15.71
CA LEU A 38 1.82 -4.95 15.11
C LEU A 38 2.08 -5.41 13.67
N ASP A 39 1.86 -4.56 12.70
CA ASP A 39 2.01 -4.94 11.30
C ASP A 39 2.59 -3.82 10.48
N VAL A 40 2.08 -2.63 10.67
CA VAL A 40 2.59 -1.45 10.03
C VAL A 40 2.66 -0.37 11.11
N ASP A 41 3.54 0.60 10.99
CA ASP A 41 3.68 1.59 12.05
C ASP A 41 3.22 2.98 11.59
N LEU A 42 2.15 3.01 10.79
CA LEU A 42 1.49 4.27 10.31
C LEU A 42 2.33 5.12 9.34
N GLU A 43 3.55 5.46 9.71
CA GLU A 43 4.43 6.31 8.88
C GLU A 43 4.97 5.55 7.67
N THR A 44 4.76 4.26 7.69
CA THR A 44 5.14 3.35 6.64
C THR A 44 4.45 3.76 5.31
N ARG A 45 5.22 3.84 4.24
CA ARG A 45 4.70 4.25 2.96
C ARG A 45 4.14 3.04 2.24
N ILE A 46 2.85 2.83 2.36
CA ILE A 46 2.20 1.71 1.70
C ILE A 46 2.05 1.98 0.19
N PRO A 47 2.59 1.07 -0.64
CA PRO A 47 2.49 1.20 -2.10
C PRO A 47 1.07 1.01 -2.59
N VAL A 48 0.70 1.81 -3.54
CA VAL A 48 -0.61 1.75 -4.12
C VAL A 48 -0.48 1.61 -5.62
N ILE A 49 -1.46 1.05 -6.24
CA ILE A 49 -1.44 0.89 -7.66
C ILE A 49 -2.83 1.18 -8.22
N ASN A 50 -2.88 1.53 -9.48
CA ASN A 50 -4.11 1.59 -10.23
C ASN A 50 -4.81 0.27 -10.14
N LYS A 51 -6.10 0.28 -10.00
CA LYS A 51 -6.81 -0.96 -10.07
C LYS A 51 -6.87 -1.46 -11.51
N VAL A 52 -6.53 -0.57 -12.46
CA VAL A 52 -6.42 -0.94 -13.88
C VAL A 52 -5.10 -1.68 -14.03
N ASP A 53 -4.26 -1.43 -13.02
CA ASP A 53 -2.95 -1.98 -12.85
C ASP A 53 -2.01 -1.40 -13.80
N GLY A 54 -1.44 -0.35 -13.37
CA GLY A 54 -0.48 0.31 -14.15
C GLY A 54 0.29 1.27 -13.36
N THR A 55 -0.38 2.28 -12.92
CA THR A 55 0.23 3.30 -12.13
C THR A 55 0.51 2.80 -10.73
N LEU A 56 1.74 2.43 -10.48
CA LEU A 56 2.16 2.02 -9.17
C LEU A 56 2.81 3.22 -8.52
N LEU A 57 2.55 3.43 -7.28
CA LEU A 57 3.14 4.49 -6.54
C LEU A 57 3.87 3.92 -5.34
N VAL A 58 5.14 4.21 -5.25
CA VAL A 58 5.99 3.75 -4.18
C VAL A 58 6.78 4.92 -3.60
N GLY A 59 7.29 4.74 -2.40
CA GLY A 59 8.09 5.77 -1.78
C GLY A 59 7.26 6.97 -1.40
N GLU A 60 7.66 8.14 -1.86
CA GLU A 60 6.93 9.36 -1.56
C GLU A 60 5.82 9.61 -2.56
N ASP A 61 5.76 8.78 -3.56
CA ASP A 61 4.67 8.83 -4.52
C ASP A 61 3.48 8.12 -3.93
N ALA A 62 3.75 7.26 -2.98
CA ALA A 62 2.75 6.54 -2.26
C ALA A 62 2.54 7.24 -0.93
N PRO A 63 1.35 7.21 -0.36
CA PRO A 63 1.07 7.88 0.92
C PRO A 63 1.55 7.04 2.12
N ARG A 64 1.45 7.62 3.30
CA ARG A 64 1.76 6.88 4.51
C ARG A 64 0.56 6.03 4.83
N ARG A 65 0.73 5.00 5.61
CA ARG A 65 -0.39 4.16 6.02
C ARG A 65 -1.41 4.98 6.81
N ALA A 66 -0.91 5.96 7.54
CA ALA A 66 -1.74 6.86 8.31
C ALA A 66 -2.64 7.72 7.40
N GLU A 67 -2.24 7.87 6.15
CA GLU A 67 -3.00 8.63 5.19
C GLU A 67 -3.76 7.68 4.26
N LEU A 68 -3.22 6.49 4.13
CA LEU A 68 -3.60 5.46 3.15
C LEU A 68 -5.09 5.20 3.07
N GLU A 69 -5.75 4.96 4.20
CA GLU A 69 -7.16 4.61 4.17
C GLU A 69 -8.00 5.76 3.66
N MET A 70 -7.74 6.93 4.20
CA MET A 70 -8.44 8.14 3.79
C MET A 70 -8.11 8.46 2.34
N TRP A 71 -6.86 8.26 1.98
CA TRP A 71 -6.36 8.54 0.65
C TRP A 71 -7.06 7.64 -0.38
N LEU A 72 -7.10 6.33 -0.11
CA LEU A 72 -7.77 5.37 -0.99
C LEU A 72 -9.24 5.63 -1.09
N GLN A 73 -9.82 6.09 0.01
CA GLN A 73 -11.24 6.38 0.07
C GLN A 73 -11.59 7.52 -0.89
N GLY A 74 -10.60 8.33 -1.22
CA GLY A 74 -10.79 9.40 -2.13
C GLY A 74 -10.17 9.12 -3.48
N HIS A 75 -9.73 7.90 -3.69
CA HIS A 75 -9.09 7.49 -4.93
C HIS A 75 -9.50 6.06 -5.28
N PRO A 76 -10.66 5.88 -5.91
CA PRO A 76 -11.15 4.55 -6.28
C PRO A 76 -10.28 3.88 -7.33
N GLU A 77 -9.55 4.69 -8.09
CA GLU A 77 -8.69 4.21 -9.14
C GLU A 77 -7.37 3.64 -8.58
N PHE A 78 -7.18 3.77 -7.29
CA PHE A 78 -6.02 3.25 -6.64
C PHE A 78 -6.41 2.26 -5.60
N ALA A 79 -5.50 1.40 -5.27
CA ALA A 79 -5.69 0.40 -4.27
C ALA A 79 -4.35 0.06 -3.74
N VAL A 80 -4.31 -0.62 -2.63
CA VAL A 80 -3.05 -1.11 -2.09
C VAL A 80 -2.44 -2.10 -3.09
N ASP A 81 -1.12 -2.05 -3.25
CA ASP A 81 -0.44 -2.94 -4.17
C ASP A 81 -0.66 -4.40 -3.81
N PRO A 82 -1.21 -5.20 -4.75
CA PRO A 82 -1.55 -6.60 -4.50
C PRO A 82 -0.30 -7.46 -4.24
N ARG A 83 0.81 -7.01 -4.75
CA ARG A 83 2.05 -7.72 -4.58
C ARG A 83 2.59 -7.47 -3.18
N PHE A 84 2.44 -6.25 -2.69
CA PHE A 84 2.82 -5.89 -1.33
C PHE A 84 1.98 -6.70 -0.34
N LEU A 85 0.70 -6.89 -0.66
CA LEU A 85 -0.19 -7.72 0.16
C LEU A 85 0.37 -9.13 0.23
N ALA A 86 0.69 -9.68 -0.92
CA ALA A 86 1.25 -11.01 -1.02
C ALA A 86 2.61 -11.08 -0.34
N TYR A 87 3.36 -10.01 -0.43
CA TYR A 87 4.69 -9.90 0.15
C TYR A 87 4.65 -9.97 1.68
N MET A 88 3.67 -9.29 2.27
CA MET A 88 3.52 -9.27 3.73
C MET A 88 3.17 -10.64 4.28
N GLU A 89 2.31 -11.35 3.58
CA GLU A 89 1.93 -12.69 3.98
C GLU A 89 3.04 -13.69 3.62
N ASP A 90 3.74 -13.39 2.54
CA ASP A 90 4.91 -14.16 2.06
C ASP A 90 5.98 -14.16 3.13
N ARG A 91 5.97 -13.08 3.94
CA ARG A 91 6.88 -12.89 5.08
C ARG A 91 8.20 -12.32 4.65
N ARG A 92 8.19 -11.72 3.46
CA ARG A 92 9.34 -11.01 2.88
C ARG A 92 10.42 -11.95 2.37
N LYS A 93 10.99 -12.75 3.29
CA LYS A 93 12.04 -13.74 3.00
C LYS A 93 13.35 -13.08 2.51
N GLN A 94 13.34 -12.65 1.27
CA GLN A 94 14.50 -12.08 0.64
C GLN A 94 14.19 -10.71 0.14
N LYS A 95 15.13 -9.83 0.29
CA LYS A 95 14.98 -8.49 -0.17
C LYS A 95 15.51 -8.32 -1.58
N LEU A 38 -3.16 -2.56 13.50
CA LEU A 38 -2.01 -1.97 12.89
C LEU A 38 -1.30 -3.01 12.02
N ASP A 39 -1.69 -3.04 10.78
CA ASP A 39 -1.04 -3.87 9.77
C ASP A 39 0.41 -3.47 9.62
N VAL A 40 0.64 -2.20 9.82
CA VAL A 40 1.95 -1.57 9.85
C VAL A 40 1.87 -0.43 10.85
N ASP A 41 2.96 0.25 11.10
CA ASP A 41 3.03 1.32 12.12
C ASP A 41 2.58 2.68 11.56
N LEU A 42 1.81 2.63 10.48
CA LEU A 42 1.13 3.78 9.83
C LEU A 42 2.06 4.76 9.09
N GLU A 43 3.34 4.74 9.35
CA GLU A 43 4.24 5.73 8.77
C GLU A 43 4.90 5.26 7.46
N THR A 44 4.65 4.03 7.10
CA THR A 44 5.23 3.47 5.91
C THR A 44 4.49 3.97 4.65
N ARG A 45 5.17 3.90 3.54
CA ARG A 45 4.62 4.27 2.26
C ARG A 45 4.00 3.04 1.64
N ILE A 46 2.70 2.95 1.69
CA ILE A 46 1.99 1.84 1.09
C ILE A 46 2.08 1.90 -0.43
N PRO A 47 2.63 0.84 -1.07
CA PRO A 47 2.69 0.77 -2.51
C PRO A 47 1.30 0.64 -3.09
N VAL A 48 0.89 1.61 -3.84
CA VAL A 48 -0.42 1.60 -4.43
C VAL A 48 -0.32 1.46 -5.91
N ILE A 49 -1.15 0.65 -6.45
CA ILE A 49 -1.15 0.41 -7.86
C ILE A 49 -2.48 0.78 -8.46
N ASN A 50 -2.45 1.55 -9.52
CA ASN A 50 -3.65 1.89 -10.25
C ASN A 50 -4.13 0.64 -10.93
N LYS A 51 -5.37 0.29 -10.78
CA LYS A 51 -5.84 -0.95 -11.33
C LYS A 51 -5.99 -0.90 -12.86
N VAL A 52 -6.38 0.23 -13.41
CA VAL A 52 -6.58 0.29 -14.85
C VAL A 52 -5.26 0.48 -15.59
N ASP A 53 -4.49 1.41 -15.13
CA ASP A 53 -3.20 1.68 -15.77
C ASP A 53 -2.16 0.68 -15.34
N GLY A 54 -2.00 0.53 -14.07
CA GLY A 54 -0.98 -0.32 -13.55
C GLY A 54 0.14 0.45 -12.92
N THR A 55 -0.06 1.77 -12.78
CA THR A 55 0.91 2.65 -12.16
C THR A 55 1.11 2.24 -10.68
N LEU A 56 2.28 1.74 -10.35
CA LEU A 56 2.59 1.39 -8.98
C LEU A 56 3.44 2.49 -8.37
N LEU A 57 2.91 3.13 -7.39
CA LEU A 57 3.58 4.22 -6.73
C LEU A 57 4.37 3.70 -5.56
N VAL A 58 5.63 4.04 -5.51
CA VAL A 58 6.50 3.60 -4.45
C VAL A 58 7.23 4.79 -3.86
N GLY A 59 7.67 4.65 -2.64
CA GLY A 59 8.42 5.70 -2.01
C GLY A 59 7.54 6.85 -1.60
N GLU A 60 8.10 8.05 -1.63
CA GLU A 60 7.40 9.27 -1.18
C GLU A 60 6.31 9.67 -2.17
N ASP A 61 6.30 9.00 -3.28
CA ASP A 61 5.30 9.20 -4.32
C ASP A 61 4.03 8.47 -3.96
N ALA A 62 4.15 7.54 -3.05
CA ALA A 62 3.03 6.76 -2.60
C ALA A 62 2.48 7.38 -1.32
N PRO A 63 1.17 7.31 -1.09
CA PRO A 63 0.57 7.85 0.13
C PRO A 63 1.05 7.08 1.36
N ARG A 64 1.24 7.80 2.44
CA ARG A 64 1.64 7.20 3.67
C ARG A 64 0.44 6.43 4.19
N ARG A 65 0.67 5.32 4.84
CA ARG A 65 -0.39 4.44 5.37
C ARG A 65 -1.46 5.19 6.19
N ALA A 66 -1.03 6.20 6.93
CA ALA A 66 -1.95 7.03 7.71
C ALA A 66 -2.92 7.78 6.80
N GLU A 67 -2.41 8.27 5.67
CA GLU A 67 -3.20 9.04 4.71
C GLU A 67 -4.02 8.10 3.86
N LEU A 68 -3.34 7.04 3.40
CA LEU A 68 -3.83 6.02 2.46
C LEU A 68 -5.20 5.50 2.89
N GLU A 69 -5.35 5.34 4.16
CA GLU A 69 -6.56 4.84 4.77
C GLU A 69 -7.76 5.75 4.44
N MET A 70 -7.60 7.02 4.72
CA MET A 70 -8.64 8.02 4.46
C MET A 70 -8.73 8.32 2.96
N TRP A 71 -7.58 8.24 2.31
CA TRP A 71 -7.40 8.51 0.89
C TRP A 71 -8.30 7.62 0.05
N LEU A 72 -8.17 6.30 0.24
CA LEU A 72 -8.95 5.29 -0.51
C LEU A 72 -10.45 5.53 -0.40
N GLN A 73 -10.87 6.03 0.74
CA GLN A 73 -12.26 6.27 1.05
C GLN A 73 -12.92 7.22 0.05
N GLY A 74 -12.25 8.29 -0.28
CA GLY A 74 -12.82 9.25 -1.19
C GLY A 74 -12.29 9.10 -2.58
N HIS A 75 -11.21 8.39 -2.70
CA HIS A 75 -10.47 8.25 -3.94
C HIS A 75 -9.64 7.02 -3.88
N PRO A 76 -10.19 5.91 -4.35
CA PRO A 76 -9.42 4.74 -4.47
C PRO A 76 -8.54 4.83 -5.70
N GLU A 77 -9.15 4.55 -6.88
CA GLU A 77 -8.52 4.42 -8.24
C GLU A 77 -7.31 3.47 -8.30
N PHE A 78 -6.60 3.48 -7.27
CA PHE A 78 -5.51 2.67 -6.98
C PHE A 78 -5.98 1.67 -5.96
N ALA A 79 -5.15 0.74 -5.66
CA ALA A 79 -5.39 -0.22 -4.64
C ALA A 79 -4.07 -0.56 -4.01
N VAL A 80 -4.10 -1.13 -2.85
CA VAL A 80 -2.89 -1.54 -2.19
C VAL A 80 -2.29 -2.74 -2.94
N ASP A 81 -0.98 -2.70 -3.17
CA ASP A 81 -0.28 -3.77 -3.87
C ASP A 81 -0.50 -5.11 -3.18
N PRO A 82 -0.99 -6.10 -3.93
CA PRO A 82 -1.31 -7.41 -3.38
C PRO A 82 -0.09 -8.20 -2.88
N ARG A 83 1.09 -7.89 -3.38
CA ARG A 83 2.27 -8.61 -2.93
C ARG A 83 2.72 -8.01 -1.61
N PHE A 84 2.49 -6.72 -1.44
CA PHE A 84 2.80 -6.07 -0.17
C PHE A 84 1.86 -6.64 0.92
N LEU A 85 0.61 -6.91 0.53
CA LEU A 85 -0.33 -7.57 1.44
C LEU A 85 0.17 -8.95 1.81
N ALA A 86 0.75 -9.63 0.83
CA ALA A 86 1.32 -10.94 1.02
C ALA A 86 2.49 -10.87 1.99
N TYR A 87 3.27 -9.80 1.90
CA TYR A 87 4.40 -9.60 2.79
C TYR A 87 3.93 -9.47 4.24
N MET A 88 2.80 -8.80 4.43
CA MET A 88 2.21 -8.60 5.76
C MET A 88 1.87 -9.95 6.41
N GLU A 89 1.29 -10.85 5.64
CA GLU A 89 0.94 -12.16 6.14
C GLU A 89 2.16 -13.07 6.22
N ASP A 90 3.10 -12.90 5.26
CA ASP A 90 4.38 -13.66 5.29
C ASP A 90 5.10 -13.41 6.56
N ARG A 91 5.06 -12.13 7.00
CA ARG A 91 5.70 -11.69 8.22
C ARG A 91 7.20 -11.95 8.09
N ARG A 92 7.90 -12.01 9.18
CA ARG A 92 9.29 -12.39 9.10
C ARG A 92 9.41 -13.90 9.09
N LYS A 93 8.89 -14.49 8.03
CA LYS A 93 8.88 -15.92 7.79
C LYS A 93 7.94 -16.68 8.72
N GLN A 94 6.68 -16.68 8.33
CA GLN A 94 5.64 -17.45 9.00
C GLN A 94 5.92 -18.93 8.78
N LYS A 95 5.35 -19.78 9.65
CA LYS A 95 5.53 -21.24 9.65
C LYS A 95 6.93 -21.62 10.17
N LEU A 38 6.97 -6.08 13.13
CA LEU A 38 6.54 -4.71 12.96
C LEU A 38 5.22 -4.56 12.23
N ASP A 39 4.53 -3.53 12.60
CA ASP A 39 3.29 -3.13 11.98
C ASP A 39 3.65 -1.92 11.12
N VAL A 40 2.76 -1.50 10.28
CA VAL A 40 2.99 -0.33 9.46
C VAL A 40 3.05 0.94 10.33
N ASP A 41 2.35 0.89 11.46
CA ASP A 41 2.33 1.93 12.50
C ASP A 41 2.01 3.31 11.92
N LEU A 42 1.29 3.29 10.80
CA LEU A 42 0.82 4.46 10.07
C LEU A 42 1.94 5.27 9.36
N GLU A 43 3.21 4.85 9.48
CA GLU A 43 4.29 5.61 8.83
C GLU A 43 4.73 4.97 7.52
N THR A 44 4.37 3.73 7.33
CA THR A 44 4.75 3.00 6.14
C THR A 44 4.12 3.57 4.88
N ARG A 45 4.91 3.66 3.86
CA ARG A 45 4.44 4.06 2.56
C ARG A 45 3.85 2.85 1.87
N ILE A 46 2.54 2.79 1.84
CA ILE A 46 1.83 1.69 1.22
C ILE A 46 1.92 1.80 -0.30
N PRO A 47 2.55 0.81 -0.96
CA PRO A 47 2.62 0.77 -2.40
C PRO A 47 1.26 0.46 -2.97
N VAL A 48 0.75 1.36 -3.73
CA VAL A 48 -0.56 1.22 -4.29
C VAL A 48 -0.47 1.19 -5.78
N ILE A 49 -1.33 0.45 -6.39
CA ILE A 49 -1.36 0.34 -7.81
C ILE A 49 -2.73 0.72 -8.34
N ASN A 50 -2.75 1.54 -9.36
CA ASN A 50 -3.98 1.96 -9.99
C ASN A 50 -4.56 0.76 -10.71
N LYS A 51 -5.78 0.45 -10.39
CA LYS A 51 -6.44 -0.74 -10.92
C LYS A 51 -6.72 -0.65 -12.42
N VAL A 52 -6.83 0.55 -12.91
CA VAL A 52 -7.17 0.76 -14.30
C VAL A 52 -5.90 0.82 -15.17
N ASP A 53 -5.03 1.76 -14.85
CA ASP A 53 -3.81 2.00 -15.62
C ASP A 53 -2.73 0.98 -15.31
N GLY A 54 -2.50 0.78 -14.03
CA GLY A 54 -1.42 -0.07 -13.61
C GLY A 54 -0.30 0.75 -13.00
N THR A 55 -0.58 2.02 -12.73
CA THR A 55 0.39 2.92 -12.12
C THR A 55 0.70 2.45 -10.69
N LEU A 56 1.93 2.02 -10.46
CA LEU A 56 2.35 1.57 -9.14
C LEU A 56 3.09 2.71 -8.46
N LEU A 57 2.66 3.05 -7.29
CA LEU A 57 3.28 4.10 -6.52
C LEU A 57 4.09 3.49 -5.41
N VAL A 58 5.35 3.85 -5.36
CA VAL A 58 6.28 3.36 -4.37
C VAL A 58 7.02 4.53 -3.74
N GLY A 59 7.77 4.25 -2.70
CA GLY A 59 8.53 5.29 -2.02
C GLY A 59 7.66 6.41 -1.52
N GLU A 60 8.06 7.63 -1.78
CA GLU A 60 7.32 8.78 -1.30
C GLU A 60 6.24 9.22 -2.28
N ASP A 61 6.06 8.46 -3.31
CA ASP A 61 4.96 8.68 -4.23
C ASP A 61 3.81 7.85 -3.78
N ALA A 62 4.12 6.87 -2.98
CA ALA A 62 3.13 6.04 -2.39
C ALA A 62 2.62 6.77 -1.15
N PRO A 63 1.34 6.70 -0.84
CA PRO A 63 0.77 7.39 0.30
C PRO A 63 1.22 6.81 1.62
N ARG A 64 1.37 7.67 2.61
CA ARG A 64 1.69 7.23 3.92
C ARG A 64 0.45 6.55 4.50
N ARG A 65 0.64 5.45 5.18
CA ARG A 65 -0.44 4.65 5.75
C ARG A 65 -1.45 5.50 6.57
N ALA A 66 -0.96 6.56 7.22
CA ALA A 66 -1.80 7.48 7.97
C ALA A 66 -2.84 8.18 7.07
N GLU A 67 -2.45 8.50 5.84
CA GLU A 67 -3.34 9.22 4.93
C GLU A 67 -4.06 8.23 4.04
N LEU A 68 -3.55 7.02 3.99
CA LEU A 68 -4.02 5.96 3.10
C LEU A 68 -5.52 5.68 3.31
N GLU A 69 -5.96 5.69 4.57
CA GLU A 69 -7.36 5.47 4.91
C GLU A 69 -8.25 6.55 4.26
N MET A 70 -7.79 7.77 4.30
CA MET A 70 -8.52 8.89 3.77
C MET A 70 -8.45 8.89 2.26
N TRP A 71 -7.28 8.56 1.77
CA TRP A 71 -6.95 8.61 0.36
C TRP A 71 -7.76 7.60 -0.44
N LEU A 72 -7.82 6.35 0.03
CA LEU A 72 -8.58 5.31 -0.65
C LEU A 72 -10.07 5.57 -0.57
N GLN A 73 -10.52 6.12 0.54
CA GLN A 73 -11.92 6.44 0.74
C GLN A 73 -12.32 7.60 -0.19
N GLY A 74 -11.32 8.35 -0.61
CA GLY A 74 -11.53 9.44 -1.53
C GLY A 74 -11.70 8.98 -2.97
N HIS A 75 -11.61 7.66 -3.16
CA HIS A 75 -11.77 6.98 -4.44
C HIS A 75 -10.71 7.39 -5.47
N PRO A 76 -9.48 6.88 -5.35
CA PRO A 76 -8.43 7.15 -6.33
C PRO A 76 -8.33 6.02 -7.39
N GLU A 77 -9.06 4.92 -7.15
CA GLU A 77 -9.09 3.71 -8.00
C GLU A 77 -7.78 2.94 -7.93
N PHE A 78 -7.14 3.08 -6.80
CA PHE A 78 -5.93 2.37 -6.49
C PHE A 78 -6.21 1.27 -5.49
N ALA A 79 -5.40 0.25 -5.52
CA ALA A 79 -5.48 -0.85 -4.57
C ALA A 79 -4.10 -1.11 -4.03
N VAL A 80 -4.01 -1.81 -2.93
CA VAL A 80 -2.74 -2.13 -2.30
C VAL A 80 -1.98 -3.20 -3.12
N ASP A 81 -0.68 -3.02 -3.27
CA ASP A 81 0.18 -3.94 -4.01
C ASP A 81 0.24 -5.33 -3.35
N PRO A 82 0.00 -6.40 -4.15
CA PRO A 82 0.04 -7.80 -3.67
C PRO A 82 1.43 -8.24 -3.17
N ARG A 83 2.47 -7.60 -3.63
CA ARG A 83 3.81 -7.95 -3.17
C ARG A 83 3.97 -7.42 -1.75
N PHE A 84 3.43 -6.25 -1.50
CA PHE A 84 3.42 -5.68 -0.18
C PHE A 84 2.53 -6.51 0.74
N LEU A 85 1.44 -7.03 0.20
CA LEU A 85 0.57 -7.92 0.96
C LEU A 85 1.33 -9.15 1.42
N ALA A 86 2.13 -9.72 0.50
CA ALA A 86 2.96 -10.86 0.81
C ALA A 86 4.00 -10.49 1.86
N TYR A 87 4.51 -9.26 1.77
CA TYR A 87 5.46 -8.73 2.72
C TYR A 87 4.80 -8.54 4.11
N MET A 88 3.55 -8.11 4.11
CA MET A 88 2.81 -7.93 5.35
C MET A 88 2.55 -9.29 6.01
N GLU A 89 2.21 -10.27 5.20
CA GLU A 89 1.96 -11.62 5.67
C GLU A 89 3.26 -12.29 6.11
N ASP A 90 4.35 -11.90 5.47
CA ASP A 90 5.71 -12.40 5.79
C ASP A 90 6.04 -12.14 7.25
N ARG A 91 5.47 -11.09 7.80
CA ARG A 91 5.80 -10.66 9.13
C ARG A 91 4.89 -11.31 10.20
N ARG A 92 4.22 -12.44 9.87
CA ARG A 92 3.43 -13.17 10.88
C ARG A 92 4.36 -13.57 12.04
N LYS A 93 5.45 -14.17 11.69
CA LYS A 93 6.55 -14.43 12.57
C LYS A 93 7.75 -14.69 11.73
N GLN A 94 8.86 -14.18 12.14
CA GLN A 94 10.08 -14.39 11.44
C GLN A 94 10.92 -15.34 12.21
N LYS A 95 11.41 -16.34 11.55
CA LYS A 95 12.32 -17.24 12.15
C LYS A 95 13.67 -16.59 12.12
N LEU A 38 0.20 -4.34 14.99
CA LEU A 38 -0.17 -5.46 14.10
C LEU A 38 -0.46 -4.91 12.70
N ASP A 39 0.15 -3.80 12.42
CA ASP A 39 0.04 -3.09 11.16
C ASP A 39 1.38 -2.40 11.01
N VAL A 40 1.50 -1.44 10.14
CA VAL A 40 2.76 -0.77 9.95
C VAL A 40 2.93 0.40 10.93
N ASP A 41 3.91 1.23 10.70
CA ASP A 41 4.25 2.31 11.62
C ASP A 41 3.53 3.63 11.25
N LEU A 42 2.42 3.52 10.51
CA LEU A 42 1.58 4.68 10.04
C LEU A 42 2.30 5.58 9.02
N GLU A 43 3.53 5.89 9.28
CA GLU A 43 4.30 6.73 8.40
C GLU A 43 4.85 5.91 7.23
N THR A 44 4.76 4.59 7.37
CA THR A 44 5.14 3.68 6.34
C THR A 44 4.27 3.94 5.09
N ARG A 45 4.88 4.14 3.97
CA ARG A 45 4.16 4.44 2.75
C ARG A 45 3.68 3.14 2.16
N ILE A 46 2.38 2.96 2.12
CA ILE A 46 1.82 1.75 1.55
C ILE A 46 1.73 1.91 0.03
N PRO A 47 2.42 1.05 -0.73
CA PRO A 47 2.38 1.08 -2.18
C PRO A 47 0.98 0.82 -2.73
N VAL A 48 0.61 1.56 -3.72
CA VAL A 48 -0.68 1.45 -4.33
C VAL A 48 -0.55 1.37 -5.83
N ILE A 49 -1.50 0.74 -6.45
CA ILE A 49 -1.49 0.57 -7.88
C ILE A 49 -2.83 0.98 -8.47
N ASN A 50 -2.80 1.83 -9.46
CA ASN A 50 -4.02 2.24 -10.17
C ASN A 50 -4.45 1.10 -11.03
N LYS A 51 -5.65 0.66 -10.84
CA LYS A 51 -6.14 -0.53 -11.53
C LYS A 51 -6.44 -0.29 -13.01
N VAL A 52 -6.65 0.95 -13.37
CA VAL A 52 -7.01 1.29 -14.74
C VAL A 52 -5.76 1.45 -15.60
N ASP A 53 -4.80 2.21 -15.12
CA ASP A 53 -3.56 2.49 -15.86
C ASP A 53 -2.44 1.54 -15.50
N GLY A 54 -2.37 1.20 -14.24
CA GLY A 54 -1.26 0.42 -13.76
C GLY A 54 -0.21 1.32 -13.16
N THR A 55 -0.67 2.46 -12.65
CA THR A 55 0.20 3.40 -12.01
C THR A 55 0.59 2.86 -10.64
N LEU A 56 1.81 2.40 -10.51
CA LEU A 56 2.28 1.85 -9.27
C LEU A 56 3.09 2.89 -8.53
N LEU A 57 2.70 3.15 -7.32
CA LEU A 57 3.36 4.11 -6.49
C LEU A 57 4.11 3.38 -5.39
N VAL A 58 5.41 3.46 -5.40
CA VAL A 58 6.27 2.82 -4.42
C VAL A 58 7.22 3.83 -3.82
N GLY A 59 7.95 3.44 -2.80
CA GLY A 59 8.88 4.33 -2.16
C GLY A 59 8.13 5.44 -1.45
N GLU A 60 8.37 6.66 -1.87
CA GLU A 60 7.65 7.78 -1.33
C GLU A 60 6.68 8.34 -2.35
N ASP A 61 6.53 7.63 -3.45
CA ASP A 61 5.54 7.97 -4.48
C ASP A 61 4.17 7.63 -3.95
N ALA A 62 4.16 6.70 -3.04
CA ALA A 62 2.97 6.26 -2.39
C ALA A 62 2.78 7.08 -1.11
N PRO A 63 1.54 7.42 -0.74
CA PRO A 63 1.25 8.14 0.50
C PRO A 63 1.49 7.28 1.76
N ARG A 64 1.68 7.94 2.89
CA ARG A 64 1.87 7.25 4.16
C ARG A 64 0.57 6.62 4.60
N ARG A 65 0.69 5.49 5.26
CA ARG A 65 -0.42 4.64 5.75
C ARG A 65 -1.50 5.45 6.47
N ALA A 66 -1.05 6.40 7.28
CA ALA A 66 -1.92 7.28 8.05
C ALA A 66 -2.91 8.01 7.14
N GLU A 67 -2.44 8.44 5.99
CA GLU A 67 -3.30 9.16 5.04
C GLU A 67 -3.89 8.19 4.01
N LEU A 68 -3.09 7.22 3.66
CA LEU A 68 -3.34 6.24 2.62
C LEU A 68 -4.67 5.49 2.81
N GLU A 69 -5.00 5.14 4.05
CA GLU A 69 -6.23 4.39 4.31
C GLU A 69 -7.47 5.19 3.89
N MET A 70 -7.50 6.47 4.24
CA MET A 70 -8.62 7.33 3.89
C MET A 70 -8.62 7.62 2.40
N TRP A 71 -7.42 7.79 1.87
CA TRP A 71 -7.20 8.10 0.47
C TRP A 71 -7.77 6.99 -0.43
N LEU A 72 -7.52 5.73 -0.05
CA LEU A 72 -8.06 4.60 -0.80
C LEU A 72 -9.57 4.55 -0.73
N GLN A 73 -10.11 4.86 0.43
CA GLN A 73 -11.55 4.81 0.65
C GLN A 73 -12.29 5.86 -0.18
N GLY A 74 -11.63 6.94 -0.48
CA GLY A 74 -12.21 7.97 -1.33
C GLY A 74 -12.36 7.52 -2.77
N HIS A 75 -11.68 6.42 -3.09
CA HIS A 75 -11.68 5.79 -4.42
C HIS A 75 -10.91 6.61 -5.44
N PRO A 76 -9.58 6.51 -5.43
CA PRO A 76 -8.73 7.17 -6.39
C PRO A 76 -8.42 6.23 -7.57
N GLU A 77 -9.09 5.06 -7.52
CA GLU A 77 -8.96 3.97 -8.53
C GLU A 77 -7.64 3.21 -8.34
N PHE A 78 -7.02 3.47 -7.22
CA PHE A 78 -5.83 2.78 -6.81
C PHE A 78 -6.22 1.79 -5.74
N ALA A 79 -5.56 0.68 -5.74
CA ALA A 79 -5.78 -0.33 -4.74
C ALA A 79 -4.48 -0.57 -4.04
N VAL A 80 -4.54 -1.14 -2.87
CA VAL A 80 -3.36 -1.46 -2.10
C VAL A 80 -2.59 -2.59 -2.79
N ASP A 81 -1.28 -2.39 -2.95
CA ASP A 81 -0.40 -3.37 -3.58
C ASP A 81 -0.45 -4.70 -2.83
N PRO A 82 -0.91 -5.78 -3.50
CA PRO A 82 -1.06 -7.09 -2.87
C PRO A 82 0.27 -7.75 -2.49
N ARG A 83 1.36 -7.27 -3.03
CA ARG A 83 2.65 -7.84 -2.73
C ARG A 83 3.14 -7.31 -1.39
N PHE A 84 2.80 -6.07 -1.10
CA PHE A 84 3.12 -5.47 0.17
C PHE A 84 2.25 -6.09 1.26
N LEU A 85 1.03 -6.47 0.88
CA LEU A 85 0.12 -7.16 1.80
C LEU A 85 0.75 -8.45 2.30
N ALA A 86 1.54 -9.08 1.43
CA ALA A 86 2.26 -10.28 1.78
C ALA A 86 3.26 -10.03 2.93
N TYR A 87 3.80 -8.81 3.00
CA TYR A 87 4.71 -8.44 4.08
C TYR A 87 3.94 -8.28 5.39
N MET A 88 2.70 -7.84 5.29
CA MET A 88 1.86 -7.67 6.47
C MET A 88 1.46 -9.05 7.00
N GLU A 89 1.33 -10.01 6.11
CA GLU A 89 1.03 -11.38 6.49
C GLU A 89 2.29 -12.04 7.01
N ASP A 90 3.43 -11.61 6.47
CA ASP A 90 4.75 -12.10 6.87
C ASP A 90 4.97 -11.86 8.36
N ARG A 91 4.63 -10.67 8.81
CA ARG A 91 4.63 -10.40 10.23
C ARG A 91 3.32 -10.90 10.82
N ARG A 92 3.27 -12.19 10.99
CA ARG A 92 2.07 -12.85 11.42
C ARG A 92 2.11 -13.12 12.91
N LYS A 93 1.87 -12.05 13.67
CA LYS A 93 1.80 -12.07 15.14
C LYS A 93 3.01 -12.75 15.79
N GLN A 94 4.15 -12.14 15.64
CA GLN A 94 5.40 -12.65 16.13
C GLN A 94 6.40 -11.52 16.36
N LYS A 95 7.45 -11.80 17.04
CA LYS A 95 8.50 -10.86 17.27
C LYS A 95 9.78 -11.48 16.77
N LEU A 38 -1.89 -3.32 15.45
CA LEU A 38 -2.04 -4.24 14.35
C LEU A 38 -2.21 -3.47 13.03
N ASP A 39 -1.13 -2.85 12.63
CA ASP A 39 -1.04 -2.01 11.46
C ASP A 39 0.40 -2.10 10.97
N VAL A 40 0.78 -1.30 10.00
CA VAL A 40 2.13 -1.26 9.49
C VAL A 40 2.92 -0.19 10.31
N ASP A 41 2.30 0.16 11.46
CA ASP A 41 2.80 1.08 12.47
C ASP A 41 2.75 2.51 12.03
N LEU A 42 2.04 2.77 10.92
CA LEU A 42 1.88 4.13 10.35
C LEU A 42 3.24 4.81 10.08
N GLU A 43 4.27 4.02 9.91
CA GLU A 43 5.59 4.54 9.61
C GLU A 43 6.06 4.07 8.24
N THR A 44 5.40 3.09 7.74
CA THR A 44 5.74 2.47 6.50
C THR A 44 4.79 2.99 5.40
N ARG A 45 5.32 3.59 4.33
CA ARG A 45 4.48 4.07 3.23
C ARG A 45 3.81 2.91 2.53
N ILE A 46 2.64 3.15 2.02
CA ILE A 46 1.85 2.10 1.43
C ILE A 46 1.93 2.19 -0.10
N PRO A 47 2.47 1.16 -0.75
CA PRO A 47 2.50 1.10 -2.19
C PRO A 47 1.10 0.88 -2.73
N VAL A 48 0.68 1.74 -3.59
CA VAL A 48 -0.64 1.64 -4.16
C VAL A 48 -0.56 1.44 -5.65
N ILE A 49 -1.50 0.75 -6.18
CA ILE A 49 -1.54 0.44 -7.57
C ILE A 49 -2.83 0.96 -8.19
N ASN A 50 -2.72 1.54 -9.35
CA ASN A 50 -3.89 1.92 -10.11
C ASN A 50 -4.48 0.66 -10.63
N LYS A 51 -5.72 0.44 -10.30
CA LYS A 51 -6.39 -0.82 -10.60
C LYS A 51 -6.44 -1.13 -12.09
N VAL A 52 -6.45 -0.11 -12.90
CA VAL A 52 -6.59 -0.29 -14.32
C VAL A 52 -5.24 -0.24 -15.03
N ASP A 53 -4.56 0.88 -14.92
CA ASP A 53 -3.36 1.14 -15.70
C ASP A 53 -2.12 0.43 -15.15
N GLY A 54 -2.12 0.14 -13.86
CA GLY A 54 -1.03 -0.58 -13.27
C GLY A 54 0.03 0.34 -12.73
N THR A 55 -0.35 1.59 -12.55
CA THR A 55 0.52 2.57 -12.00
C THR A 55 0.84 2.21 -10.54
N LEU A 56 2.06 1.90 -10.26
CA LEU A 56 2.45 1.48 -8.93
C LEU A 56 3.26 2.56 -8.26
N LEU A 57 2.75 3.05 -7.17
CA LEU A 57 3.40 4.12 -6.44
C LEU A 57 4.19 3.57 -5.30
N VAL A 58 5.49 3.68 -5.41
CA VAL A 58 6.41 3.26 -4.40
C VAL A 58 7.29 4.43 -4.02
N GLY A 59 8.03 4.29 -2.96
CA GLY A 59 8.94 5.32 -2.55
C GLY A 59 8.23 6.55 -2.04
N GLU A 60 8.74 7.70 -2.39
CA GLU A 60 8.20 8.97 -1.91
C GLU A 60 6.97 9.40 -2.70
N ASP A 61 6.60 8.60 -3.66
CA ASP A 61 5.40 8.84 -4.44
C ASP A 61 4.26 8.04 -3.90
N ALA A 62 4.54 7.20 -2.94
CA ALA A 62 3.51 6.40 -2.34
C ALA A 62 2.89 7.20 -1.20
N PRO A 63 1.54 7.19 -1.10
CA PRO A 63 0.78 7.99 -0.12
C PRO A 63 1.16 7.76 1.34
N ARG A 64 0.83 8.75 2.15
CA ARG A 64 1.07 8.73 3.54
C ARG A 64 0.20 7.66 4.15
N ARG A 65 0.85 6.73 4.78
CA ARG A 65 0.24 5.56 5.39
C ARG A 65 -0.96 5.89 6.29
N ALA A 66 -0.81 6.89 7.14
CA ALA A 66 -1.89 7.34 8.01
C ALA A 66 -3.10 7.91 7.22
N GLU A 67 -2.85 8.42 6.02
CA GLU A 67 -3.91 9.04 5.22
C GLU A 67 -4.48 8.06 4.22
N LEU A 68 -3.70 7.04 3.96
CA LEU A 68 -4.00 6.00 2.98
C LEU A 68 -5.39 5.39 3.19
N GLU A 69 -5.76 5.19 4.44
CA GLU A 69 -7.04 4.61 4.82
C GLU A 69 -8.18 5.42 4.20
N MET A 70 -8.16 6.70 4.49
CA MET A 70 -9.15 7.67 3.98
C MET A 70 -9.01 7.86 2.47
N TRP A 71 -7.78 7.86 2.01
CA TRP A 71 -7.45 8.09 0.60
C TRP A 71 -8.11 7.03 -0.28
N LEU A 72 -8.01 5.79 0.14
CA LEU A 72 -8.64 4.67 -0.58
C LEU A 72 -10.15 4.75 -0.51
N GLN A 73 -10.68 5.25 0.60
CA GLN A 73 -12.11 5.40 0.78
C GLN A 73 -12.72 6.38 -0.22
N GLY A 74 -11.93 7.35 -0.63
CA GLY A 74 -12.36 8.29 -1.65
C GLY A 74 -12.36 7.65 -3.04
N HIS A 75 -11.49 6.67 -3.19
CA HIS A 75 -11.27 5.89 -4.42
C HIS A 75 -10.73 6.76 -5.57
N PRO A 76 -9.41 6.91 -5.65
CA PRO A 76 -8.73 7.67 -6.70
C PRO A 76 -8.19 6.76 -7.82
N GLU A 77 -8.84 5.59 -7.96
CA GLU A 77 -8.51 4.49 -8.94
C GLU A 77 -7.43 3.59 -8.38
N PHE A 78 -6.84 3.98 -7.30
CA PHE A 78 -5.78 3.22 -6.69
C PHE A 78 -6.30 2.36 -5.56
N ALA A 79 -5.59 1.28 -5.33
CA ALA A 79 -5.84 0.34 -4.26
C ALA A 79 -4.48 -0.08 -3.76
N VAL A 80 -4.43 -0.91 -2.73
CA VAL A 80 -3.17 -1.35 -2.21
C VAL A 80 -2.51 -2.35 -3.15
N ASP A 81 -1.20 -2.33 -3.19
CA ASP A 81 -0.44 -3.25 -4.00
C ASP A 81 -0.54 -4.68 -3.45
N PRO A 82 -0.89 -5.65 -4.31
CA PRO A 82 -0.97 -7.07 -3.93
C PRO A 82 0.37 -7.62 -3.41
N ARG A 83 1.47 -7.02 -3.84
CA ARG A 83 2.80 -7.45 -3.41
C ARG A 83 3.00 -6.97 -1.95
N PHE A 84 2.41 -5.82 -1.64
CA PHE A 84 2.35 -5.28 -0.28
C PHE A 84 1.41 -6.13 0.58
N LEU A 85 0.36 -6.64 -0.03
CA LEU A 85 -0.53 -7.56 0.67
C LEU A 85 0.22 -8.83 1.05
N ALA A 86 1.11 -9.28 0.17
CA ALA A 86 1.95 -10.42 0.47
C ALA A 86 2.98 -10.05 1.52
N TYR A 87 3.43 -8.80 1.48
CA TYR A 87 4.33 -8.24 2.48
C TYR A 87 3.74 -8.41 3.88
N MET A 88 2.47 -8.05 4.03
CA MET A 88 1.79 -8.21 5.32
C MET A 88 1.76 -9.67 5.72
N GLU A 89 1.20 -10.47 4.84
CA GLU A 89 0.95 -11.88 5.03
C GLU A 89 2.25 -12.67 5.31
N ASP A 90 3.31 -12.30 4.63
CA ASP A 90 4.59 -12.99 4.75
C ASP A 90 5.30 -12.63 6.04
N ARG A 91 5.34 -11.35 6.37
CA ARG A 91 6.10 -10.92 7.52
C ARG A 91 5.41 -11.33 8.82
N ARG A 92 4.37 -10.59 9.22
CA ARG A 92 3.64 -10.93 10.46
C ARG A 92 2.29 -10.22 10.59
N LYS A 93 1.72 -9.84 9.48
CA LYS A 93 0.39 -9.24 9.48
C LYS A 93 -0.57 -10.12 8.70
N GLN A 94 -1.23 -11.04 9.38
CA GLN A 94 -2.17 -11.96 8.72
C GLN A 94 -3.53 -11.30 8.41
N LYS A 95 -3.52 -9.96 8.34
CA LYS A 95 -4.69 -9.13 8.07
C LYS A 95 -5.74 -9.29 9.14
#